data_6XU2
#
_entry.id   6XU2
#
_cell.length_a   97.097
_cell.length_b   126.248
_cell.length_c   149.419
_cell.angle_alpha   90
_cell.angle_beta   90
_cell.angle_gamma   90
#
_symmetry.space_group_name_H-M   'P 21 21 21'
#
loop_
_entity.id
_entity.type
_entity.pdbx_description
1 polymer Importin-5
2 polymer Antipain
3 non-polymer 'NICKEL (II) ION'
4 water water
#
loop_
_entity_poly.entity_id
_entity_poly.type
_entity_poly.pdbx_seq_one_letter_code
_entity_poly.pdbx_strand_id
1 'polypeptide(L)'
;MPEDQVGKLEATENTISAMAAAAAEQQQFYLLLGNLLSPDNVVRKQAEETYENIPGQSKITFLLQAIRNTTAAEEARQMA
AVLLRRLLSSAFDEVYPALPSDVQTAIKSELLMIIQMETQSSMRKKVCDIAAELARNLIDEDGNNQWPEGLKFLFDSVSS
QNVGLREAALHIFWNFPGIFGNQQQHYLDVIKRMLVQCMQDQEHPSIRTLSARATAAFILANEHNVALFKHFADLLPGFL
QAVNDSCYQNDDSVLKSLVEIADTVPKYLRPHLEATLQLSLKLCGDTSLNNMQRQLALEVIVTLSETAAAMLRKHTNIVA
QTIPQMLAMMVDLEEDEDWANADELEDDDFDSNAVAGESALDRMACGLGGKLVLPMIKEHIMQMLQNPDWKYRHAGLMAL
SAIGEGCHQQMEGILNEIVNFVLLFLQDPHPRVRYAACNAVGQMATDFAPGFQKKFHEKVIAALLQTMEDQGNQRVQAHA
AAALINFTEDCPKSLLIPYLDNLVKHLHSIMVLKLQELIQKGTKLVLEQVVTSIASVADTAEEKFVPYYDLFMPSLKHIV
ENAVQKELRLLRGKTIECISLIGLAVGKEKFMQDASDVMQLLLKTQTDFNDMEDDDPQISYMISAWARMCKILGKEFQQY
LPVVMGPLMKTASIKPEVALLDTQDMENMSDDDGWEFVNLGDQQSFGIKTAGLEEKSTACQMLVCYAKELKEGFVEYTEQ
VVKLMVPLLKFYFHDGVRVAAAESMPLLLECARVRGPEYLTQMWHFMCDALIKAIGTEPDSDVLSEIMHSFAKCIEVMGD
GCLNNEHFEELGGILKAKLEEHFKNQELRQVKRQDEDYDEQVEESLQDEDDNDVYILTKVSDILHSIFSSYKEKVLPWFE
QLLPLIVNLICPHRPWPDRQWGLCIFDDVIEHCSPASFKYAEYFLRPMLQYVCDNSPEVRQAAAYGLGVMAQYGGDNYRP
FCTEALPLLVRVIQSADSKTKENVNATENCISAVGKIMKFKPDCVNVEEVLPHWLSWLPLHEDKEEAVQTFNYLCDLIES
NHPIVLGPNNTNLPKIFSIIAEGEMHEAIKHEDPCAKRLANVVRQVQTSGGLWTECIAQLSPEQQAAIQELLNSA
;
A
2 'polypeptide(L)' (FC0)RV(RGL) B
#
loop_
_chem_comp.id
_chem_comp.type
_chem_comp.name
_chem_comp.formula
NI non-polymer 'NICKEL (II) ION' 'Ni 2'
#
# COMPACT_ATOMS: atom_id res chain seq x y z
N ALA A 21 52.66 10.03 -30.47
CA ALA A 21 52.26 9.32 -31.68
C ALA A 21 50.76 9.43 -31.93
N ALA A 22 50.36 9.77 -33.16
CA ALA A 22 48.94 9.91 -33.50
C ALA A 22 48.47 8.72 -34.36
N ALA A 23 49.29 8.31 -35.34
CA ALA A 23 48.95 7.18 -36.22
C ALA A 23 49.12 5.80 -35.55
N ALA A 24 49.93 5.72 -34.47
CA ALA A 24 50.20 4.48 -33.75
C ALA A 24 49.08 3.98 -32.84
N GLU A 25 48.37 4.88 -32.16
CA GLU A 25 47.28 4.48 -31.27
C GLU A 25 45.91 4.30 -31.97
N GLN A 26 45.84 4.57 -33.29
CA GLN A 26 44.61 4.43 -34.06
C GLN A 26 44.48 3.03 -34.67
N GLN A 27 45.59 2.46 -35.16
CA GLN A 27 45.59 1.13 -35.76
C GLN A 27 45.38 0.01 -34.72
N GLN A 28 45.90 0.19 -33.50
CA GLN A 28 45.73 -0.78 -32.40
C GLN A 28 44.33 -0.71 -31.75
N PHE A 29 43.56 0.35 -32.03
CA PHE A 29 42.25 0.58 -31.45
C PHE A 29 41.16 -0.33 -32.04
N TYR A 30 41.25 -0.67 -33.34
CA TYR A 30 40.27 -1.52 -34.02
C TYR A 30 40.27 -2.95 -33.49
N LEU A 31 41.47 -3.49 -33.17
CA LEU A 31 41.60 -4.85 -32.66
C LEU A 31 41.12 -4.99 -31.21
N LEU A 32 41.35 -3.96 -30.37
CA LEU A 32 40.90 -3.96 -28.98
C LEU A 32 39.35 -3.87 -28.90
N LEU A 33 38.75 -3.12 -29.82
CA LEU A 33 37.30 -2.97 -29.91
C LEU A 33 36.64 -4.30 -30.33
N GLY A 34 37.26 -5.00 -31.25
CA GLY A 34 36.79 -6.30 -31.70
C GLY A 34 37.04 -7.41 -30.70
N ASN A 35 38.06 -7.24 -29.83
CA ASN A 35 38.43 -8.19 -28.79
C ASN A 35 37.31 -8.31 -27.75
N LEU A 36 36.64 -7.18 -27.41
CA LEU A 36 35.53 -7.22 -26.46
C LEU A 36 34.19 -7.58 -27.13
N LEU A 37 34.26 -8.35 -28.24
CA LEU A 37 33.11 -8.85 -29.01
C LEU A 37 33.20 -10.39 -29.26
N SER A 38 34.37 -11.01 -28.97
CA SER A 38 34.60 -12.46 -29.12
C SER A 38 33.65 -13.26 -28.21
N PRO A 39 33.13 -14.40 -28.69
CA PRO A 39 32.15 -15.16 -27.87
C PRO A 39 32.66 -15.79 -26.58
N ASP A 40 33.97 -16.11 -26.48
CA ASP A 40 34.51 -16.72 -25.25
C ASP A 40 34.95 -15.71 -24.19
N ASN A 41 34.77 -16.05 -22.91
CA ASN A 41 35.08 -15.20 -21.76
C ASN A 41 36.56 -15.04 -21.44
N VAL A 42 37.44 -15.81 -22.09
CA VAL A 42 38.87 -15.72 -21.82
C VAL A 42 39.42 -14.33 -22.18
N VAL A 43 39.38 -13.93 -23.46
CA VAL A 43 39.86 -12.60 -23.86
C VAL A 43 38.80 -11.50 -23.55
N ARG A 44 37.52 -11.90 -23.33
CA ARG A 44 36.45 -10.96 -23.00
C ARG A 44 36.69 -10.32 -21.63
N LYS A 45 37.13 -11.11 -20.64
CA LYS A 45 37.40 -10.57 -19.31
C LYS A 45 38.85 -10.09 -19.16
N GLN A 46 39.48 -9.66 -20.28
CA GLN A 46 40.86 -9.15 -20.30
C GLN A 46 41.00 -7.90 -21.20
N ALA A 47 40.13 -7.76 -22.23
CA ALA A 47 40.17 -6.64 -23.16
C ALA A 47 39.24 -5.47 -22.77
N GLU A 48 38.26 -5.73 -21.89
CA GLU A 48 37.36 -4.69 -21.42
C GLU A 48 38.06 -3.83 -20.36
N GLU A 49 38.88 -4.46 -19.49
CA GLU A 49 39.63 -3.83 -18.41
C GLU A 49 40.71 -2.88 -18.92
N THR A 50 41.37 -3.26 -20.02
CA THR A 50 42.39 -2.41 -20.64
C THR A 50 41.77 -1.14 -21.23
N TYR A 51 40.53 -1.25 -21.74
CA TYR A 51 39.80 -0.14 -22.32
C TYR A 51 39.41 0.92 -21.27
N GLU A 52 38.83 0.49 -20.15
CA GLU A 52 38.38 1.42 -19.12
C GLU A 52 39.48 2.29 -18.51
N ASN A 53 40.67 1.71 -18.27
CA ASN A 53 41.79 2.44 -17.68
C ASN A 53 42.36 3.56 -18.55
N ILE A 54 42.05 3.55 -19.86
CA ILE A 54 42.47 4.57 -20.83
C ILE A 54 41.89 5.93 -20.44
N PRO A 55 42.68 7.03 -20.55
CA PRO A 55 42.13 8.34 -20.17
C PRO A 55 40.90 8.75 -20.98
N GLY A 56 39.86 9.17 -20.29
CA GLY A 56 38.59 9.57 -20.88
C GLY A 56 38.67 10.83 -21.74
N GLN A 57 39.66 11.69 -21.46
CA GLN A 57 39.90 12.92 -22.20
C GLN A 57 40.34 12.65 -23.66
N SER A 58 40.97 11.49 -23.90
CA SER A 58 41.46 11.06 -25.21
C SER A 58 40.50 10.11 -25.94
N LYS A 59 39.55 9.48 -25.21
CA LYS A 59 38.59 8.55 -25.78
C LYS A 59 37.59 9.18 -26.76
N ILE A 60 37.56 10.52 -26.88
CA ILE A 60 36.65 11.19 -27.80
C ILE A 60 37.10 10.97 -29.27
N THR A 61 38.17 11.65 -29.77
CA THR A 61 38.68 11.50 -31.15
C THR A 61 39.18 10.10 -31.50
N PHE A 62 39.21 9.17 -30.53
CA PHE A 62 39.65 7.80 -30.74
C PHE A 62 38.47 6.89 -31.07
N LEU A 63 37.33 7.06 -30.35
CA LEU A 63 36.14 6.22 -30.54
C LEU A 63 35.18 6.73 -31.63
N LEU A 64 35.09 8.06 -31.85
CA LEU A 64 34.23 8.59 -32.91
C LEU A 64 34.77 8.29 -34.32
N GLN A 65 36.10 8.10 -34.43
CA GLN A 65 36.80 7.78 -35.67
C GLN A 65 36.53 6.34 -36.15
N ALA A 66 36.07 5.45 -35.24
CA ALA A 66 35.75 4.06 -35.57
C ALA A 66 34.37 3.93 -36.24
N ILE A 67 33.51 4.95 -36.12
CA ILE A 67 32.19 5.01 -36.77
C ILE A 67 32.35 5.68 -38.16
N ARG A 68 33.23 6.72 -38.23
CA ARG A 68 33.61 7.47 -39.44
C ARG A 68 34.35 6.56 -40.45
N ASN A 69 35.05 5.53 -39.95
CA ASN A 69 35.77 4.54 -40.77
C ASN A 69 34.75 3.53 -41.26
N THR A 70 34.05 3.87 -42.36
CA THR A 70 33.00 3.06 -42.96
C THR A 70 33.58 1.83 -43.74
N THR A 71 34.90 1.79 -43.98
CA THR A 71 35.54 0.62 -44.62
C THR A 71 35.81 -0.53 -43.62
N ALA A 72 35.70 -0.24 -42.29
CA ALA A 72 35.87 -1.20 -41.21
C ALA A 72 34.55 -1.96 -40.99
N ALA A 73 34.61 -3.12 -40.32
CA ALA A 73 33.45 -3.99 -40.04
C ALA A 73 32.23 -3.21 -39.54
N GLU A 74 31.05 -3.52 -40.09
CA GLU A 74 29.81 -2.84 -39.70
C GLU A 74 29.37 -3.17 -38.28
N GLU A 75 29.81 -4.32 -37.72
CA GLU A 75 29.49 -4.68 -36.34
C GLU A 75 30.44 -4.00 -35.33
N ALA A 76 31.63 -3.56 -35.78
CA ALA A 76 32.58 -2.82 -34.96
C ALA A 76 32.14 -1.34 -34.85
N ARG A 77 31.52 -0.81 -35.92
CA ARG A 77 30.98 0.55 -35.96
C ARG A 77 29.70 0.63 -35.08
N GLN A 78 28.93 -0.48 -34.96
CA GLN A 78 27.74 -0.55 -34.11
C GLN A 78 28.17 -0.45 -32.65
N MET A 79 29.28 -1.12 -32.29
CA MET A 79 29.88 -1.14 -30.95
C MET A 79 30.57 0.20 -30.62
N ALA A 80 31.25 0.83 -31.60
CA ALA A 80 31.91 2.11 -31.38
C ALA A 80 30.90 3.22 -31.08
N ALA A 81 29.76 3.23 -31.79
CA ALA A 81 28.68 4.21 -31.63
C ALA A 81 27.88 3.97 -30.35
N VAL A 82 27.70 2.71 -29.95
CA VAL A 82 27.01 2.39 -28.70
C VAL A 82 27.94 2.78 -27.51
N LEU A 83 29.26 2.55 -27.64
CA LEU A 83 30.24 2.90 -26.61
C LEU A 83 30.42 4.42 -26.46
N LEU A 84 30.22 5.17 -27.54
CA LEU A 84 30.37 6.62 -27.51
C LEU A 84 29.19 7.30 -26.78
N ARG A 85 27.99 6.71 -26.87
CA ARG A 85 26.80 7.25 -26.20
C ARG A 85 26.92 7.01 -24.70
N ARG A 86 27.39 5.82 -24.29
CA ARG A 86 27.52 5.48 -22.89
C ARG A 86 28.55 6.33 -22.16
N LEU A 87 29.67 6.67 -22.80
CA LEU A 87 30.66 7.54 -22.16
C LEU A 87 30.14 8.98 -21.96
N LEU A 88 29.08 9.39 -22.70
CA LEU A 88 28.45 10.71 -22.59
C LEU A 88 27.25 10.65 -21.62
N SER A 89 26.52 9.53 -21.58
CA SER A 89 25.36 9.39 -20.71
C SER A 89 25.75 9.15 -19.25
N SER A 90 26.85 8.44 -19.02
CA SER A 90 27.30 8.13 -17.67
C SER A 90 28.35 9.10 -17.15
N ALA A 91 29.37 9.38 -17.95
CA ALA A 91 30.45 10.27 -17.55
C ALA A 91 30.44 11.55 -18.36
N PHE A 92 30.56 12.71 -17.71
CA PHE A 92 30.59 13.97 -18.43
C PHE A 92 31.39 15.07 -17.76
N ASP A 93 31.22 15.25 -16.44
CA ASP A 93 31.90 16.32 -15.70
C ASP A 93 33.43 16.15 -15.56
N GLU A 94 33.97 14.99 -15.97
CA GLU A 94 35.42 14.75 -15.93
C GLU A 94 36.02 14.71 -17.35
N VAL A 95 35.22 14.26 -18.35
CA VAL A 95 35.70 14.15 -19.72
C VAL A 95 35.58 15.46 -20.52
N TYR A 96 34.42 16.14 -20.53
CA TYR A 96 34.24 17.37 -21.32
C TYR A 96 34.90 18.64 -20.70
N PRO A 97 34.71 18.98 -19.40
CA PRO A 97 35.36 20.19 -18.86
C PRO A 97 36.90 20.11 -18.89
N ALA A 98 37.55 21.29 -18.92
CA ALA A 98 39.01 21.48 -18.96
C ALA A 98 39.69 20.95 -20.24
N LEU A 99 38.89 20.56 -21.26
CA LEU A 99 39.45 20.13 -22.54
C LEU A 99 39.46 21.32 -23.51
N PRO A 100 40.49 21.46 -24.36
CA PRO A 100 40.57 22.64 -25.26
C PRO A 100 39.33 22.89 -26.13
N SER A 101 38.83 24.15 -26.18
CA SER A 101 37.66 24.48 -27.00
C SER A 101 37.90 24.39 -28.52
N ASP A 102 39.11 23.96 -28.93
CA ASP A 102 39.46 23.66 -30.31
C ASP A 102 38.94 22.23 -30.57
N VAL A 103 39.18 21.29 -29.61
CA VAL A 103 38.68 19.92 -29.69
C VAL A 103 37.23 19.80 -29.11
N GLN A 104 36.75 20.84 -28.40
CA GLN A 104 35.40 20.92 -27.84
C GLN A 104 34.41 21.16 -28.99
N THR A 105 34.67 22.20 -29.81
CA THR A 105 33.83 22.55 -30.96
C THR A 105 34.15 21.70 -32.23
N ALA A 106 35.14 20.76 -32.14
CA ALA A 106 35.52 19.84 -33.23
C ALA A 106 34.72 18.55 -33.10
N ILE A 107 34.46 18.08 -31.86
CA ILE A 107 33.62 16.90 -31.66
C ILE A 107 32.13 17.24 -31.86
N LYS A 108 31.75 18.53 -31.82
CA LYS A 108 30.38 18.97 -32.05
C LYS A 108 30.10 18.87 -33.56
N SER A 109 30.98 19.48 -34.39
CA SER A 109 30.81 19.51 -35.83
C SER A 109 31.18 18.20 -36.55
N GLU A 110 32.08 17.38 -35.99
CA GLU A 110 32.41 16.09 -36.61
C GLU A 110 31.28 15.08 -36.40
N LEU A 111 30.62 15.13 -35.24
CA LEU A 111 29.48 14.26 -34.95
C LEU A 111 28.32 14.56 -35.91
N LEU A 112 28.15 15.84 -36.27
CA LEU A 112 27.13 16.34 -37.21
C LEU A 112 27.43 15.88 -38.65
N MET A 113 28.69 15.65 -38.98
CA MET A 113 29.11 15.19 -40.29
C MET A 113 28.78 13.70 -40.46
N ILE A 114 29.02 12.89 -39.41
CA ILE A 114 28.78 11.44 -39.44
C ILE A 114 27.34 11.12 -39.83
N ILE A 115 26.39 11.94 -39.36
CA ILE A 115 24.96 11.82 -39.62
C ILE A 115 24.61 12.18 -41.09
N GLN A 116 25.37 13.11 -41.68
CA GLN A 116 25.20 13.53 -43.09
C GLN A 116 25.84 12.54 -44.07
N MET A 117 26.91 11.87 -43.65
CA MET A 117 27.61 10.90 -44.47
C MET A 117 27.11 9.45 -44.31
N GLU A 118 26.23 9.19 -43.32
CA GLU A 118 25.70 7.86 -43.08
C GLU A 118 24.67 7.39 -44.12
N THR A 119 24.89 6.20 -44.68
CA THR A 119 24.03 5.56 -45.68
C THR A 119 23.08 4.53 -45.01
N GLN A 120 23.57 3.84 -43.97
CA GLN A 120 22.83 2.82 -43.23
C GLN A 120 21.97 3.47 -42.16
N SER A 121 20.65 3.18 -42.16
CA SER A 121 19.74 3.76 -41.16
C SER A 121 19.97 3.23 -39.73
N SER A 122 20.68 2.09 -39.59
CA SER A 122 20.98 1.50 -38.28
C SER A 122 22.01 2.37 -37.58
N MET A 123 23.08 2.72 -38.30
CA MET A 123 24.14 3.57 -37.76
C MET A 123 23.69 5.00 -37.62
N ARG A 124 22.79 5.48 -38.50
CA ARG A 124 22.24 6.82 -38.42
C ARG A 124 21.49 7.01 -37.10
N LYS A 125 20.81 5.94 -36.62
CA LYS A 125 20.09 5.95 -35.33
C LYS A 125 21.05 5.88 -34.13
N LYS A 126 22.20 5.18 -34.25
CA LYS A 126 23.22 5.08 -33.19
C LYS A 126 23.96 6.42 -32.96
N VAL A 127 24.35 7.12 -34.06
CA VAL A 127 25.06 8.41 -34.03
C VAL A 127 24.14 9.61 -33.72
N CYS A 128 22.82 9.45 -33.95
CA CYS A 128 21.81 10.42 -33.56
C CYS A 128 21.59 10.32 -32.03
N ASP A 129 21.74 9.10 -31.45
CA ASP A 129 21.66 8.88 -30.01
C ASP A 129 22.92 9.49 -29.29
N ILE A 130 24.01 9.77 -30.03
CA ILE A 130 25.21 10.44 -29.53
C ILE A 130 25.09 11.96 -29.75
N ALA A 131 24.42 12.39 -30.85
CA ALA A 131 24.13 13.81 -31.14
C ALA A 131 23.28 14.34 -29.97
N ALA A 132 22.22 13.59 -29.61
CA ALA A 132 21.46 13.85 -28.39
C ALA A 132 22.35 13.26 -27.25
N GLU A 133 22.05 13.54 -25.98
CA GLU A 133 22.93 13.16 -24.86
C GLU A 133 24.07 14.18 -24.82
N LEU A 134 24.77 14.41 -25.95
CA LEU A 134 25.76 15.49 -26.02
C LEU A 134 24.96 16.81 -25.99
N ALA A 135 23.85 16.88 -26.76
CA ALA A 135 22.95 18.03 -26.78
C ALA A 135 22.31 18.22 -25.38
N ARG A 136 21.97 17.10 -24.73
CA ARG A 136 21.36 17.00 -23.41
C ARG A 136 22.24 17.53 -22.25
N ASN A 137 23.53 17.16 -22.23
CA ASN A 137 24.42 17.59 -21.16
C ASN A 137 24.88 19.03 -21.32
N LEU A 138 24.97 19.52 -22.56
CA LEU A 138 25.35 20.91 -22.82
C LEU A 138 24.16 21.80 -22.41
N ILE A 139 22.95 21.47 -22.89
CA ILE A 139 21.73 22.21 -22.57
C ILE A 139 21.42 22.22 -21.08
N ASP A 140 21.49 21.04 -20.42
CA ASP A 140 21.16 20.84 -18.98
C ASP A 140 22.11 21.53 -17.98
N GLU A 141 22.97 22.47 -18.45
CA GLU A 141 23.88 23.21 -17.58
C GLU A 141 23.11 24.28 -16.75
N ASP A 142 22.64 25.36 -17.38
CA ASP A 142 21.91 26.42 -16.68
C ASP A 142 20.42 26.43 -17.05
N GLY A 143 20.16 26.15 -18.31
CA GLY A 143 18.83 26.12 -18.90
C GLY A 143 18.98 26.35 -20.38
N ASN A 144 19.66 27.43 -20.75
CA ASN A 144 19.95 27.74 -22.14
C ASN A 144 21.02 26.77 -22.63
N ASN A 145 20.83 26.16 -23.81
CA ASN A 145 21.78 25.18 -24.32
C ASN A 145 22.98 25.83 -25.03
N GLN A 146 24.19 25.36 -24.68
CA GLN A 146 25.43 25.88 -25.26
C GLN A 146 25.71 25.32 -26.67
N TRP A 147 24.73 24.68 -27.32
CA TRP A 147 24.92 24.14 -28.65
C TRP A 147 23.84 24.62 -29.60
N PRO A 148 23.94 25.88 -30.06
CA PRO A 148 22.96 26.36 -31.03
C PRO A 148 23.20 25.76 -32.43
N GLU A 149 24.41 25.18 -32.66
CA GLU A 149 24.79 24.47 -33.89
C GLU A 149 23.97 23.16 -34.00
N GLY A 150 23.67 22.53 -32.87
CA GLY A 150 22.80 21.36 -32.83
C GLY A 150 21.38 21.73 -33.18
N LEU A 151 20.94 22.92 -32.78
CA LEU A 151 19.61 23.43 -33.07
C LEU A 151 19.49 23.76 -34.53
N LYS A 152 20.47 24.51 -35.11
CA LYS A 152 20.44 24.83 -36.55
C LYS A 152 20.45 23.56 -37.38
N PHE A 153 21.17 22.52 -36.93
CA PHE A 153 21.24 21.24 -37.58
C PHE A 153 19.86 20.59 -37.76
N LEU A 154 18.96 20.71 -36.76
CA LEU A 154 17.61 20.13 -36.89
C LEU A 154 16.70 20.90 -37.83
N PHE A 155 16.70 22.25 -37.75
CA PHE A 155 15.84 23.04 -38.62
C PHE A 155 16.25 22.90 -40.06
N ASP A 156 17.56 22.84 -40.33
CA ASP A 156 18.06 22.70 -41.69
C ASP A 156 17.94 21.27 -42.20
N SER A 157 18.04 20.26 -41.30
CA SER A 157 17.91 18.85 -41.70
C SER A 157 16.45 18.45 -41.97
N VAL A 158 15.53 18.87 -41.08
CA VAL A 158 14.11 18.62 -41.29
C VAL A 158 13.56 19.38 -42.52
N SER A 159 14.19 20.52 -42.89
CA SER A 159 13.81 21.34 -44.04
C SER A 159 14.48 20.85 -45.33
N SER A 160 15.68 20.21 -45.22
CA SER A 160 16.39 19.65 -46.37
C SER A 160 15.54 18.57 -47.01
N GLN A 161 15.41 18.58 -48.34
CA GLN A 161 14.58 17.60 -49.02
C GLN A 161 15.11 16.15 -48.90
N ASN A 162 16.19 15.91 -48.09
CA ASN A 162 16.73 14.56 -47.90
C ASN A 162 16.00 13.82 -46.77
N VAL A 163 15.43 12.66 -47.13
CA VAL A 163 14.72 11.78 -46.21
C VAL A 163 15.58 11.36 -45.06
N GLY A 164 16.83 11.02 -45.34
CA GLY A 164 17.77 10.63 -44.30
C GLY A 164 18.07 11.75 -43.32
N LEU A 165 18.26 12.99 -43.83
CA LEU A 165 18.53 14.12 -42.95
C LEU A 165 17.29 14.52 -42.16
N ARG A 166 16.10 14.39 -42.77
CA ARG A 166 14.80 14.65 -42.14
C ARG A 166 14.60 13.66 -40.98
N GLU A 167 14.91 12.36 -41.22
CA GLU A 167 14.81 11.28 -40.24
C GLU A 167 15.81 11.40 -39.12
N ALA A 168 17.00 11.88 -39.42
CA ALA A 168 18.03 12.10 -38.42
C ALA A 168 17.62 13.24 -37.46
N ALA A 169 16.91 14.26 -37.98
CA ALA A 169 16.45 15.40 -37.20
C ALA A 169 15.34 14.99 -36.27
N LEU A 170 14.40 14.13 -36.75
CA LEU A 170 13.27 13.61 -35.95
C LEU A 170 13.75 12.66 -34.86
N HIS A 171 14.87 11.93 -35.09
CA HIS A 171 15.44 11.01 -34.11
C HIS A 171 16.07 11.78 -32.94
N ILE A 172 16.74 12.90 -33.24
CA ILE A 172 17.36 13.74 -32.23
C ILE A 172 16.27 14.44 -31.41
N PHE A 173 15.18 14.86 -32.06
CA PHE A 173 14.06 15.50 -31.38
C PHE A 173 13.17 14.49 -30.63
N TRP A 174 13.22 13.20 -30.99
CA TRP A 174 12.46 12.17 -30.25
C TRP A 174 13.25 11.80 -28.99
N ASN A 175 14.57 11.60 -29.15
CA ASN A 175 15.50 11.23 -28.08
C ASN A 175 15.54 12.35 -27.05
N PHE A 176 15.75 13.59 -27.49
CA PHE A 176 15.80 14.72 -26.59
C PHE A 176 14.77 15.77 -27.00
N PRO A 177 13.50 15.57 -26.61
CA PRO A 177 12.47 16.55 -26.96
C PRO A 177 12.60 17.77 -26.09
N GLY A 178 12.78 18.89 -26.74
CA GLY A 178 12.98 20.15 -26.04
C GLY A 178 14.44 20.38 -25.74
N ILE A 179 15.23 20.64 -26.82
CA ILE A 179 16.64 21.03 -26.73
C ILE A 179 16.69 22.58 -26.59
N PHE A 180 15.66 23.21 -25.98
CA PHE A 180 15.56 24.66 -25.86
C PHE A 180 15.11 25.08 -24.45
N GLY A 181 15.53 26.26 -24.06
CA GLY A 181 15.11 26.91 -22.81
C GLY A 181 14.10 28.02 -23.10
N ASN A 182 14.17 28.58 -24.33
CA ASN A 182 13.31 29.63 -24.90
C ASN A 182 12.52 29.04 -26.11
N GLN A 183 11.86 27.88 -25.92
CA GLN A 183 11.07 27.29 -27.00
C GLN A 183 9.74 28.05 -27.13
N GLN A 184 9.01 28.18 -26.01
CA GLN A 184 7.70 28.81 -25.88
C GLN A 184 7.47 30.11 -26.66
N GLN A 185 8.30 31.14 -26.39
CA GLN A 185 8.20 32.49 -26.94
C GLN A 185 8.26 32.59 -28.47
N HIS A 186 8.91 31.61 -29.15
CA HIS A 186 8.95 31.66 -30.61
C HIS A 186 9.13 30.26 -31.27
N TYR A 187 10.11 29.45 -30.84
CA TYR A 187 10.35 28.15 -31.47
C TYR A 187 9.24 27.09 -31.23
N LEU A 188 8.16 27.45 -30.52
CA LEU A 188 7.08 26.52 -30.21
C LEU A 188 6.13 26.31 -31.38
N ASP A 189 5.72 27.41 -32.04
CA ASP A 189 4.82 27.29 -33.18
C ASP A 189 5.51 26.73 -34.43
N VAL A 190 6.85 26.74 -34.47
CA VAL A 190 7.60 26.13 -35.56
C VAL A 190 7.76 24.60 -35.35
N ILE A 191 7.67 24.12 -34.10
CA ILE A 191 7.71 22.69 -33.79
C ILE A 191 6.42 22.05 -34.32
N LYS A 192 5.27 22.74 -34.17
CA LYS A 192 3.99 22.29 -34.68
C LYS A 192 4.07 22.18 -36.20
N ARG A 193 4.58 23.22 -36.89
CA ARG A 193 4.77 23.25 -38.35
C ARG A 193 5.57 22.04 -38.84
N MET A 194 6.72 21.77 -38.19
CA MET A 194 7.65 20.69 -38.51
C MET A 194 6.99 19.31 -38.46
N LEU A 195 6.25 19.01 -37.38
CA LEU A 195 5.60 17.72 -37.19
C LEU A 195 4.33 17.55 -38.03
N VAL A 196 3.55 18.63 -38.20
CA VAL A 196 2.31 18.62 -39.00
C VAL A 196 2.66 18.31 -40.46
N GLN A 197 3.71 18.95 -40.98
CA GLN A 197 4.15 18.71 -42.34
C GLN A 197 4.78 17.32 -42.49
N CYS A 198 5.46 16.82 -41.45
CA CYS A 198 6.08 15.49 -41.48
C CYS A 198 5.03 14.39 -41.44
N MET A 199 3.91 14.61 -40.74
CA MET A 199 2.82 13.64 -40.72
C MET A 199 1.99 13.66 -42.03
N GLN A 200 2.17 14.71 -42.86
CA GLN A 200 1.59 14.89 -44.19
C GLN A 200 2.55 14.40 -45.29
N ASP A 201 3.78 13.96 -44.95
CA ASP A 201 4.80 13.49 -45.89
C ASP A 201 4.40 12.10 -46.33
N GLN A 202 3.54 12.02 -47.37
CA GLN A 202 3.05 10.72 -47.85
C GLN A 202 4.11 9.95 -48.61
N GLU A 203 4.95 10.66 -49.38
CA GLU A 203 6.00 10.07 -50.19
C GLU A 203 6.89 9.08 -49.43
N HIS A 204 6.97 9.21 -48.09
CA HIS A 204 7.78 8.32 -47.26
C HIS A 204 7.02 8.00 -45.97
N PRO A 205 6.93 6.70 -45.59
CA PRO A 205 6.18 6.36 -44.38
C PRO A 205 7.00 6.34 -43.09
N SER A 206 8.33 6.22 -43.17
CA SER A 206 9.18 6.21 -41.97
C SER A 206 9.36 7.62 -41.38
N ILE A 207 9.32 8.64 -42.23
CA ILE A 207 9.43 10.03 -41.80
C ILE A 207 8.15 10.46 -41.05
N ARG A 208 6.97 9.91 -41.44
CA ARG A 208 5.68 10.16 -40.81
C ARG A 208 5.65 9.48 -39.42
N THR A 209 6.20 8.24 -39.35
CA THR A 209 6.28 7.39 -38.15
C THR A 209 7.23 8.00 -37.12
N LEU A 210 8.35 8.58 -37.59
CA LEU A 210 9.36 9.21 -36.73
C LEU A 210 8.79 10.47 -36.06
N SER A 211 7.97 11.23 -36.79
CA SER A 211 7.36 12.43 -36.23
C SER A 211 6.20 12.12 -35.29
N ALA A 212 5.62 10.90 -35.36
CA ALA A 212 4.58 10.47 -34.41
C ALA A 212 5.27 10.14 -33.09
N ARG A 213 6.41 9.41 -33.13
CA ARG A 213 7.20 9.12 -31.94
C ARG A 213 7.75 10.40 -31.29
N ALA A 214 8.10 11.39 -32.12
CA ALA A 214 8.58 12.70 -31.66
C ALA A 214 7.44 13.50 -31.04
N THR A 215 6.25 13.52 -31.64
CA THR A 215 5.08 14.23 -31.14
C THR A 215 4.73 13.72 -29.72
N ALA A 216 4.70 12.40 -29.57
CA ALA A 216 4.39 11.79 -28.30
C ALA A 216 5.48 12.12 -27.27
N ALA A 217 6.78 11.95 -27.59
CA ALA A 217 7.87 12.27 -26.67
C ALA A 217 7.82 13.74 -26.25
N PHE A 218 7.48 14.64 -27.19
CA PHE A 218 7.37 16.06 -26.94
C PHE A 218 6.20 16.37 -26.03
N ILE A 219 5.03 15.77 -26.27
CA ILE A 219 3.88 16.02 -25.42
C ILE A 219 4.13 15.48 -24.00
N LEU A 220 4.80 14.34 -23.89
CA LEU A 220 5.12 13.74 -22.59
C LEU A 220 6.12 14.61 -21.83
N ALA A 221 7.13 15.15 -22.52
CA ALA A 221 8.11 16.06 -21.91
C ALA A 221 7.37 17.32 -21.35
N ASN A 222 6.45 17.89 -22.17
CA ASN A 222 5.65 19.06 -21.81
C ASN A 222 4.38 18.69 -21.03
N GLU A 223 4.51 17.78 -20.08
CA GLU A 223 3.46 17.33 -19.17
C GLU A 223 2.98 18.54 -18.33
N HIS A 224 1.74 18.48 -17.80
CA HIS A 224 1.11 19.51 -16.94
C HIS A 224 0.74 20.82 -17.67
N ASN A 225 1.40 21.11 -18.81
CA ASN A 225 1.17 22.29 -19.63
C ASN A 225 -0.14 22.16 -20.43
N VAL A 226 -1.30 22.38 -19.75
CA VAL A 226 -2.64 22.24 -20.36
C VAL A 226 -2.88 23.23 -21.52
N ALA A 227 -2.11 24.33 -21.59
CA ALA A 227 -2.23 25.28 -22.68
C ALA A 227 -1.59 24.70 -23.97
N LEU A 228 -0.51 23.93 -23.81
CA LEU A 228 0.19 23.28 -24.93
C LEU A 228 -0.60 22.08 -25.48
N PHE A 229 -1.30 21.27 -24.64
CA PHE A 229 -2.11 20.16 -25.16
C PHE A 229 -3.25 20.72 -26.01
N LYS A 230 -3.84 21.85 -25.57
CA LYS A 230 -4.93 22.53 -26.26
C LYS A 230 -4.44 23.07 -27.60
N HIS A 231 -3.19 23.58 -27.66
CA HIS A 231 -2.64 24.09 -28.91
C HIS A 231 -2.24 22.96 -29.86
N PHE A 232 -1.59 21.91 -29.34
CA PHE A 232 -1.16 20.78 -30.17
C PHE A 232 -2.24 19.73 -30.41
N ALA A 233 -3.49 19.99 -29.97
CA ALA A 233 -4.63 19.09 -30.20
C ALA A 233 -4.83 18.76 -31.67
N ASP A 234 -4.37 19.66 -32.55
CA ASP A 234 -4.46 19.53 -34.00
C ASP A 234 -3.51 18.45 -34.57
N LEU A 235 -2.56 17.94 -33.77
CA LEU A 235 -1.61 16.91 -34.18
C LEU A 235 -2.11 15.48 -33.90
N LEU A 236 -3.11 15.34 -33.03
CA LEU A 236 -3.66 14.03 -32.65
C LEU A 236 -4.27 13.27 -33.81
N PRO A 237 -5.00 13.88 -34.77
CA PRO A 237 -5.54 13.08 -35.90
C PRO A 237 -4.45 12.44 -36.78
N GLY A 238 -3.40 13.21 -37.08
CA GLY A 238 -2.28 12.71 -37.86
C GLY A 238 -1.44 11.71 -37.08
N PHE A 239 -1.35 11.89 -35.74
CA PHE A 239 -0.62 11.00 -34.85
C PHE A 239 -1.31 9.65 -34.82
N LEU A 240 -2.64 9.62 -34.72
CA LEU A 240 -3.38 8.37 -34.69
C LEU A 240 -3.23 7.63 -36.01
N GLN A 241 -3.22 8.36 -37.13
CA GLN A 241 -3.02 7.80 -38.46
C GLN A 241 -1.63 7.12 -38.55
N ALA A 242 -0.61 7.71 -37.92
CA ALA A 242 0.75 7.18 -37.88
C ALA A 242 0.87 5.87 -37.08
N VAL A 243 0.01 5.64 -36.07
CA VAL A 243 0.02 4.35 -35.36
C VAL A 243 -0.70 3.32 -36.27
N ASN A 244 -1.81 3.73 -36.93
CA ASN A 244 -2.59 2.91 -37.86
C ASN A 244 -1.75 2.45 -39.07
N ASP A 245 -0.68 3.19 -39.40
CA ASP A 245 0.16 2.83 -40.54
C ASP A 245 1.32 1.96 -40.06
N SER A 246 2.03 2.40 -39.00
CA SER A 246 3.19 1.69 -38.45
C SER A 246 2.88 0.31 -37.95
N CYS A 247 1.69 0.13 -37.37
CA CYS A 247 1.30 -1.17 -36.83
C CYS A 247 1.17 -2.26 -37.90
N TYR A 248 0.55 -1.93 -39.05
CA TYR A 248 0.43 -2.91 -40.12
C TYR A 248 1.77 -3.19 -40.88
N GLN A 249 2.88 -2.60 -40.41
CA GLN A 249 4.23 -2.80 -40.94
C GLN A 249 5.14 -3.44 -39.88
N ASN A 250 4.55 -4.17 -38.90
CA ASN A 250 5.25 -4.80 -37.78
C ASN A 250 6.01 -3.79 -36.88
N ASP A 251 5.41 -2.60 -36.65
CA ASP A 251 6.04 -1.60 -35.79
C ASP A 251 5.17 -1.13 -34.59
N ASP A 252 5.45 -1.69 -33.42
CA ASP A 252 4.78 -1.32 -32.19
C ASP A 252 5.68 -0.31 -31.45
N SER A 253 6.14 0.72 -32.18
CA SER A 253 6.99 1.78 -31.62
C SER A 253 6.11 3.01 -31.32
N VAL A 254 5.21 3.33 -32.28
CA VAL A 254 4.21 4.41 -32.24
C VAL A 254 2.99 4.02 -31.38
N LEU A 255 2.71 2.71 -31.26
CA LEU A 255 1.62 2.23 -30.44
C LEU A 255 2.00 2.37 -28.99
N LYS A 256 3.27 2.07 -28.63
CA LYS A 256 3.79 2.26 -27.27
C LYS A 256 3.70 3.73 -26.87
N SER A 257 3.96 4.65 -27.83
CA SER A 257 3.87 6.10 -27.65
C SER A 257 2.49 6.49 -27.16
N LEU A 258 1.44 5.95 -27.80
CA LEU A 258 0.04 6.19 -27.45
C LEU A 258 -0.30 5.65 -26.08
N VAL A 259 0.17 4.45 -25.72
CA VAL A 259 -0.05 3.87 -24.39
C VAL A 259 0.59 4.75 -23.31
N GLU A 260 1.78 5.31 -23.60
CA GLU A 260 2.48 6.22 -22.69
C GLU A 260 1.68 7.52 -22.50
N ILE A 261 1.08 8.00 -23.60
CA ILE A 261 0.23 9.19 -23.63
C ILE A 261 -0.99 8.97 -22.75
N ALA A 262 -1.72 7.86 -22.96
CA ALA A 262 -2.89 7.48 -22.18
C ALA A 262 -2.58 7.25 -20.69
N ASP A 263 -1.35 6.90 -20.36
CA ASP A 263 -0.95 6.66 -18.99
C ASP A 263 -0.57 7.91 -18.22
N THR A 264 0.32 8.74 -18.79
CA THR A 264 0.83 9.90 -18.10
C THR A 264 -0.05 11.12 -18.29
N VAL A 265 -0.45 11.38 -19.55
CA VAL A 265 -1.27 12.54 -19.89
C VAL A 265 -2.48 12.15 -20.78
N PRO A 266 -3.51 11.58 -20.14
CA PRO A 266 -4.67 11.14 -20.90
C PRO A 266 -5.52 12.29 -21.39
N LYS A 267 -5.59 13.41 -20.64
CA LYS A 267 -6.41 14.55 -21.05
C LYS A 267 -6.01 15.17 -22.38
N TYR A 268 -4.78 14.89 -22.87
CA TYR A 268 -4.34 15.36 -24.18
C TYR A 268 -5.21 14.68 -25.29
N LEU A 269 -5.63 13.41 -25.06
CA LEU A 269 -6.44 12.61 -25.98
C LEU A 269 -7.92 13.01 -26.03
N ARG A 270 -8.39 13.78 -25.03
CA ARG A 270 -9.78 14.23 -24.91
C ARG A 270 -10.38 14.81 -26.22
N PRO A 271 -9.72 15.76 -26.95
CA PRO A 271 -10.32 16.29 -28.19
C PRO A 271 -10.73 15.27 -29.25
N HIS A 272 -9.95 14.17 -29.42
CA HIS A 272 -10.22 13.13 -30.41
C HIS A 272 -10.26 11.76 -29.74
N LEU A 273 -10.87 11.69 -28.55
CA LEU A 273 -10.90 10.46 -27.78
C LEU A 273 -11.65 9.35 -28.48
N GLU A 274 -12.74 9.66 -29.18
CA GLU A 274 -13.50 8.63 -29.88
C GLU A 274 -12.67 8.00 -30.97
N ALA A 275 -11.90 8.82 -31.72
CA ALA A 275 -11.02 8.34 -32.77
C ALA A 275 -9.89 7.44 -32.21
N THR A 276 -9.40 7.80 -31.03
CA THR A 276 -8.35 7.07 -30.32
C THR A 276 -8.89 5.70 -29.86
N LEU A 277 -10.10 5.70 -29.31
CA LEU A 277 -10.77 4.54 -28.78
C LEU A 277 -11.18 3.57 -29.89
N GLN A 278 -11.63 4.12 -31.03
CA GLN A 278 -12.05 3.34 -32.19
C GLN A 278 -10.86 2.66 -32.87
N LEU A 279 -9.72 3.35 -32.92
CA LEU A 279 -8.52 2.83 -33.55
C LEU A 279 -7.93 1.74 -32.67
N SER A 280 -7.83 1.98 -31.36
CA SER A 280 -7.32 1.02 -30.40
C SER A 280 -8.16 -0.26 -30.41
N LEU A 281 -9.46 -0.14 -30.66
CA LEU A 281 -10.41 -1.24 -30.75
C LEU A 281 -10.18 -2.01 -32.07
N LYS A 282 -9.92 -1.29 -33.17
CA LYS A 282 -9.69 -1.84 -34.50
C LYS A 282 -8.39 -2.65 -34.55
N LEU A 283 -7.31 -2.11 -34.00
CA LEU A 283 -6.01 -2.79 -33.99
C LEU A 283 -6.07 -4.08 -33.18
N CYS A 284 -6.68 -4.01 -31.98
CA CYS A 284 -6.88 -5.14 -31.07
C CYS A 284 -7.76 -6.21 -31.72
N GLY A 285 -8.81 -5.77 -32.41
CA GLY A 285 -9.77 -6.65 -33.07
C GLY A 285 -9.24 -7.30 -34.33
N ASP A 286 -8.25 -6.67 -34.97
CA ASP A 286 -7.66 -7.18 -36.19
C ASP A 286 -6.77 -8.37 -35.89
N THR A 287 -7.26 -9.56 -36.28
CA THR A 287 -6.62 -10.86 -36.08
C THR A 287 -5.20 -10.93 -36.68
N SER A 288 -5.00 -10.27 -37.84
CA SER A 288 -3.77 -10.24 -38.65
C SER A 288 -2.49 -9.82 -37.90
N LEU A 289 -2.57 -8.75 -37.06
CA LEU A 289 -1.43 -8.24 -36.30
C LEU A 289 -0.95 -9.25 -35.25
N ASN A 290 0.31 -9.13 -34.79
CA ASN A 290 0.83 -10.07 -33.83
C ASN A 290 0.22 -9.89 -32.43
N ASN A 291 0.48 -10.82 -31.49
CA ASN A 291 -0.06 -10.76 -30.15
C ASN A 291 0.40 -9.49 -29.42
N MET A 292 1.72 -9.21 -29.45
CA MET A 292 2.29 -8.02 -28.81
C MET A 292 1.63 -6.73 -29.27
N GLN A 293 1.21 -6.67 -30.54
CA GLN A 293 0.57 -5.48 -31.06
C GLN A 293 -0.88 -5.36 -30.64
N ARG A 294 -1.65 -6.44 -30.76
CA ARG A 294 -3.05 -6.42 -30.36
C ARG A 294 -3.21 -6.18 -28.84
N GLN A 295 -2.33 -6.77 -28.00
CA GLN A 295 -2.41 -6.60 -26.55
C GLN A 295 -2.12 -5.15 -26.16
N LEU A 296 -1.18 -4.49 -26.85
CA LEU A 296 -0.81 -3.09 -26.63
C LEU A 296 -1.97 -2.17 -26.97
N ALA A 297 -2.74 -2.52 -28.01
CA ALA A 297 -3.91 -1.76 -28.44
C ALA A 297 -5.00 -1.86 -27.35
N LEU A 298 -5.16 -3.05 -26.75
CA LEU A 298 -6.10 -3.24 -25.65
C LEU A 298 -5.64 -2.40 -24.46
N GLU A 299 -4.33 -2.40 -24.19
CA GLU A 299 -3.68 -1.64 -23.13
C GLU A 299 -3.93 -0.14 -23.19
N VAL A 300 -4.21 0.43 -24.38
CA VAL A 300 -4.52 1.85 -24.48
C VAL A 300 -5.84 2.11 -23.73
N ILE A 301 -6.86 1.26 -24.02
CA ILE A 301 -8.19 1.31 -23.43
C ILE A 301 -8.13 0.96 -21.96
N VAL A 302 -7.46 -0.16 -21.59
CA VAL A 302 -7.35 -0.58 -20.19
C VAL A 302 -6.69 0.48 -19.35
N THR A 303 -5.64 1.12 -19.86
CA THR A 303 -4.98 2.20 -19.13
C THR A 303 -5.89 3.39 -18.96
N LEU A 304 -6.63 3.77 -20.00
CA LEU A 304 -7.57 4.88 -19.90
C LEU A 304 -8.65 4.63 -18.86
N SER A 305 -9.02 3.36 -18.63
CA SER A 305 -9.99 3.02 -17.60
C SER A 305 -9.42 3.15 -16.16
N GLU A 306 -8.11 3.40 -16.02
CA GLU A 306 -7.50 3.55 -14.70
C GLU A 306 -7.12 5.01 -14.55
N THR A 307 -6.37 5.53 -15.54
CA THR A 307 -5.88 6.88 -15.55
C THR A 307 -7.03 7.90 -15.76
N ALA A 308 -7.84 7.77 -16.80
CA ALA A 308 -8.97 8.68 -17.02
C ALA A 308 -10.28 7.91 -17.27
N ALA A 309 -10.83 7.29 -16.21
CA ALA A 309 -12.07 6.52 -16.33
C ALA A 309 -13.28 7.42 -16.47
N ALA A 310 -13.27 8.61 -15.87
CA ALA A 310 -14.39 9.56 -15.95
C ALA A 310 -14.69 10.04 -17.37
N MET A 311 -13.65 10.11 -18.19
CA MET A 311 -13.66 10.54 -19.57
C MET A 311 -14.18 9.36 -20.42
N LEU A 312 -13.61 8.15 -20.19
CA LEU A 312 -13.92 6.90 -20.87
C LEU A 312 -15.35 6.44 -20.58
N ARG A 313 -15.90 6.76 -19.39
CA ARG A 313 -17.28 6.40 -19.02
C ARG A 313 -18.33 7.02 -19.97
N LYS A 314 -17.97 8.14 -20.63
CA LYS A 314 -18.83 8.84 -21.57
C LYS A 314 -18.90 8.15 -22.98
N HIS A 315 -17.92 7.28 -23.28
CA HIS A 315 -17.85 6.53 -24.54
C HIS A 315 -18.23 5.06 -24.32
N THR A 316 -19.44 4.83 -23.76
CA THR A 316 -19.99 3.50 -23.47
C THR A 316 -20.03 2.62 -24.70
N ASN A 317 -20.35 3.21 -25.83
CA ASN A 317 -20.40 2.57 -27.14
C ASN A 317 -19.10 1.78 -27.42
N ILE A 318 -17.93 2.37 -27.06
CA ILE A 318 -16.62 1.75 -27.25
C ILE A 318 -16.29 0.71 -26.14
N VAL A 319 -16.60 0.98 -24.86
CA VAL A 319 -16.28 0.02 -23.82
C VAL A 319 -17.10 -1.27 -24.01
N ALA A 320 -18.34 -1.16 -24.50
CA ALA A 320 -19.17 -2.30 -24.84
C ALA A 320 -18.51 -3.17 -25.90
N GLN A 321 -17.89 -2.56 -26.94
CA GLN A 321 -17.20 -3.30 -27.99
C GLN A 321 -15.86 -3.90 -27.55
N THR A 322 -15.25 -3.36 -26.48
CA THR A 322 -13.98 -3.87 -25.98
C THR A 322 -14.20 -5.17 -25.24
N ILE A 323 -15.33 -5.33 -24.51
CA ILE A 323 -15.65 -6.55 -23.78
C ILE A 323 -15.50 -7.82 -24.62
N PRO A 324 -16.13 -7.95 -25.82
CA PRO A 324 -15.90 -9.17 -26.62
C PRO A 324 -14.46 -9.27 -27.18
N GLN A 325 -13.67 -8.17 -27.19
CA GLN A 325 -12.27 -8.19 -27.62
C GLN A 325 -11.45 -8.98 -26.63
N MET A 326 -11.66 -8.70 -25.35
CA MET A 326 -10.99 -9.39 -24.25
C MET A 326 -11.47 -10.83 -24.17
N LEU A 327 -12.76 -11.06 -24.38
CA LEU A 327 -13.33 -12.38 -24.33
C LEU A 327 -12.78 -13.25 -25.46
N ALA A 328 -12.57 -12.68 -26.67
CA ALA A 328 -12.02 -13.42 -27.81
C ALA A 328 -10.53 -13.74 -27.61
N MET A 329 -9.79 -12.88 -26.88
CA MET A 329 -8.41 -13.19 -26.55
C MET A 329 -8.37 -14.30 -25.51
N MET A 330 -9.34 -14.32 -24.57
CA MET A 330 -9.44 -15.32 -23.50
C MET A 330 -9.73 -16.74 -23.99
N VAL A 331 -10.24 -16.85 -25.23
CA VAL A 331 -10.56 -18.10 -25.89
C VAL A 331 -9.49 -18.38 -26.98
N ASP A 332 -8.23 -18.09 -26.66
CA ASP A 332 -7.10 -18.30 -27.54
C ASP A 332 -6.17 -19.24 -26.78
N LEU A 333 -6.70 -20.42 -26.46
CA LEU A 333 -6.01 -21.44 -25.67
C LEU A 333 -5.35 -22.54 -26.51
N GLU A 334 -4.12 -22.96 -26.14
CA GLU A 334 -3.46 -24.05 -26.84
C GLU A 334 -3.81 -25.37 -26.13
N GLU A 335 -4.06 -26.43 -26.91
CA GLU A 335 -4.38 -27.72 -26.32
C GLU A 335 -3.07 -28.40 -25.92
N ASP A 336 -2.52 -28.02 -24.74
CA ASP A 336 -1.24 -28.53 -24.21
C ASP A 336 -1.27 -30.02 -24.01
N GLU A 337 -0.62 -30.80 -24.92
CA GLU A 337 -0.50 -32.25 -24.78
C GLU A 337 0.35 -32.50 -23.52
N ASP A 338 -0.22 -33.20 -22.53
CA ASP A 338 0.37 -33.41 -21.21
C ASP A 338 0.35 -32.11 -20.40
N TRP A 339 -0.86 -31.64 -20.08
CA TRP A 339 -1.11 -30.47 -19.24
C TRP A 339 -1.24 -30.98 -17.80
N ALA A 340 -2.02 -32.08 -17.61
CA ALA A 340 -2.31 -32.73 -16.33
C ALA A 340 -1.09 -33.14 -15.49
N ASN A 341 0.10 -33.21 -16.10
CA ASN A 341 1.30 -33.60 -15.38
C ASN A 341 2.13 -32.36 -14.98
N ALA A 342 2.62 -31.61 -15.99
CA ALA A 342 3.48 -30.44 -15.88
C ALA A 342 2.89 -29.24 -15.07
N ASP A 343 3.73 -28.23 -14.73
CA ASP A 343 3.36 -27.02 -13.97
C ASP A 343 3.34 -25.75 -14.86
N GLU A 344 2.17 -25.09 -14.96
CA GLU A 344 2.03 -23.86 -15.76
C GLU A 344 2.33 -22.60 -14.95
N LEU A 345 3.41 -21.87 -15.33
CA LEU A 345 3.84 -20.65 -14.65
C LEU A 345 3.66 -19.41 -15.54
N PHE A 350 1.33 -17.06 -19.73
CA PHE A 350 1.52 -15.87 -18.87
C PHE A 350 1.88 -14.57 -19.65
N ASP A 351 2.05 -14.69 -20.97
CA ASP A 351 2.29 -13.63 -21.96
C ASP A 351 1.17 -13.68 -23.05
N SER A 352 0.49 -14.85 -23.15
CA SER A 352 -0.59 -15.24 -24.03
C SER A 352 -1.74 -14.27 -24.06
N ASN A 353 -2.55 -14.36 -25.11
CA ASN A 353 -3.76 -13.56 -25.24
C ASN A 353 -4.79 -13.91 -24.16
N ALA A 354 -4.85 -15.18 -23.74
CA ALA A 354 -5.78 -15.67 -22.74
C ALA A 354 -5.52 -15.05 -21.36
N VAL A 355 -4.26 -14.75 -21.05
CA VAL A 355 -3.85 -14.12 -19.79
C VAL A 355 -3.96 -12.60 -19.93
N ALA A 356 -3.60 -12.05 -21.10
CA ALA A 356 -3.67 -10.62 -21.37
C ALA A 356 -5.10 -10.08 -21.35
N GLY A 357 -6.03 -10.78 -22.00
CA GLY A 357 -7.43 -10.40 -22.06
C GLY A 357 -8.08 -10.48 -20.69
N GLU A 358 -7.82 -11.58 -19.95
CA GLU A 358 -8.36 -11.86 -18.62
C GLU A 358 -7.96 -10.82 -17.60
N SER A 359 -6.69 -10.44 -17.59
CA SER A 359 -6.14 -9.43 -16.71
C SER A 359 -6.75 -8.08 -17.09
N ALA A 360 -6.79 -7.77 -18.39
CA ALA A 360 -7.36 -6.51 -18.88
C ALA A 360 -8.83 -6.36 -18.48
N LEU A 361 -9.56 -7.48 -18.45
CA LEU A 361 -10.95 -7.52 -18.07
C LEU A 361 -11.08 -7.19 -16.59
N ASP A 362 -10.22 -7.79 -15.73
CA ASP A 362 -10.27 -7.52 -14.31
C ASP A 362 -10.07 -6.03 -14.06
N ARG A 363 -8.96 -5.49 -14.59
CA ARG A 363 -8.54 -4.08 -14.48
C ARG A 363 -9.54 -3.08 -14.99
N MET A 364 -10.27 -3.43 -16.05
CA MET A 364 -11.28 -2.54 -16.61
C MET A 364 -12.59 -2.60 -15.86
N ALA A 365 -12.95 -3.78 -15.28
CA ALA A 365 -14.14 -3.89 -14.45
C ALA A 365 -13.91 -3.07 -13.18
N CYS A 366 -12.68 -3.13 -12.61
CA CYS A 366 -12.26 -2.36 -11.45
C CYS A 366 -12.22 -0.84 -11.80
N GLY A 367 -11.62 -0.49 -12.94
CA GLY A 367 -11.53 0.88 -13.37
C GLY A 367 -12.85 1.60 -13.62
N LEU A 368 -13.66 1.07 -14.55
CA LEU A 368 -14.96 1.68 -14.88
C LEU A 368 -16.08 1.38 -13.86
N GLY A 369 -16.00 0.25 -13.18
CA GLY A 369 -17.00 -0.11 -12.19
C GLY A 369 -18.00 -1.15 -12.66
N GLY A 370 -18.59 -1.85 -11.71
CA GLY A 370 -19.58 -2.88 -12.00
C GLY A 370 -20.91 -2.36 -12.47
N LYS A 371 -21.23 -1.07 -12.24
CA LYS A 371 -22.51 -0.51 -12.70
C LYS A 371 -22.56 -0.48 -14.21
N LEU A 372 -21.45 -0.08 -14.84
CA LEU A 372 -21.39 0.02 -16.28
C LEU A 372 -20.95 -1.32 -16.93
N VAL A 373 -19.95 -1.99 -16.35
CA VAL A 373 -19.39 -3.18 -16.94
C VAL A 373 -20.27 -4.43 -16.82
N LEU A 374 -20.76 -4.82 -15.62
CA LEU A 374 -21.55 -6.07 -15.51
C LEU A 374 -22.67 -6.20 -16.57
N PRO A 375 -23.51 -5.17 -16.82
CA PRO A 375 -24.55 -5.33 -17.85
C PRO A 375 -24.00 -5.68 -19.24
N MET A 376 -22.81 -5.17 -19.56
CA MET A 376 -22.18 -5.40 -20.86
C MET A 376 -21.58 -6.78 -21.01
N ILE A 377 -21.19 -7.42 -19.90
CA ILE A 377 -20.56 -8.72 -19.98
C ILE A 377 -21.52 -9.87 -19.62
N LYS A 378 -22.58 -9.62 -18.86
CA LYS A 378 -23.51 -10.65 -18.40
C LYS A 378 -23.96 -11.64 -19.48
N GLU A 379 -24.61 -11.17 -20.56
CA GLU A 379 -25.07 -12.07 -21.61
C GLU A 379 -23.92 -12.72 -22.41
N HIS A 380 -22.73 -12.08 -22.45
CA HIS A 380 -21.61 -12.65 -23.19
C HIS A 380 -21.05 -13.85 -22.46
N ILE A 381 -20.99 -13.79 -21.11
CA ILE A 381 -20.50 -14.92 -20.32
C ILE A 381 -21.47 -16.09 -20.42
N MET A 382 -22.79 -15.82 -20.52
CA MET A 382 -23.77 -16.89 -20.66
C MET A 382 -23.70 -17.61 -22.00
N GLN A 383 -23.31 -16.90 -23.05
CA GLN A 383 -23.12 -17.45 -24.39
C GLN A 383 -21.82 -18.29 -24.46
N MET A 384 -20.83 -18.02 -23.60
CA MET A 384 -19.58 -18.77 -23.60
C MET A 384 -19.64 -19.95 -22.68
N LEU A 385 -20.33 -19.83 -21.54
CA LEU A 385 -20.47 -20.97 -20.64
C LEU A 385 -21.36 -22.04 -21.32
N GLN A 386 -22.43 -21.60 -22.00
CA GLN A 386 -23.36 -22.49 -22.69
C GLN A 386 -23.01 -22.61 -24.18
N ASN A 387 -21.93 -23.34 -24.43
CA ASN A 387 -21.29 -23.53 -25.72
C ASN A 387 -20.52 -24.86 -25.67
N PRO A 388 -20.39 -25.62 -26.78
CA PRO A 388 -19.65 -26.91 -26.69
C PRO A 388 -18.13 -26.81 -26.97
N ASP A 389 -17.58 -25.60 -27.07
CA ASP A 389 -16.18 -25.42 -27.46
C ASP A 389 -15.11 -25.71 -26.42
N TRP A 390 -15.41 -25.82 -25.11
CA TRP A 390 -14.42 -26.04 -24.04
C TRP A 390 -13.60 -24.80 -23.86
N LYS A 391 -12.98 -24.28 -24.93
CA LYS A 391 -12.22 -23.05 -24.84
C LYS A 391 -13.15 -21.87 -24.44
N TYR A 392 -14.42 -21.92 -24.88
CA TYR A 392 -15.45 -20.96 -24.57
C TYR A 392 -15.91 -21.11 -23.14
N ARG A 393 -16.08 -22.35 -22.67
CA ARG A 393 -16.52 -22.60 -21.29
C ARG A 393 -15.45 -22.22 -20.29
N HIS A 394 -14.17 -22.51 -20.63
CA HIS A 394 -13.00 -22.14 -19.85
C HIS A 394 -12.90 -20.61 -19.81
N ALA A 395 -13.00 -19.93 -20.98
CA ALA A 395 -12.95 -18.48 -21.03
C ALA A 395 -14.09 -17.86 -20.22
N GLY A 396 -15.28 -18.47 -20.26
CA GLY A 396 -16.42 -17.99 -19.48
C GLY A 396 -16.18 -17.99 -17.97
N LEU A 397 -15.63 -19.08 -17.46
CA LEU A 397 -15.32 -19.23 -16.06
C LEU A 397 -14.15 -18.34 -15.64
N MET A 398 -13.19 -18.06 -16.56
CA MET A 398 -12.09 -17.15 -16.22
C MET A 398 -12.56 -15.70 -16.26
N ALA A 399 -13.54 -15.38 -17.12
CA ALA A 399 -14.13 -14.04 -17.18
C ALA A 399 -14.98 -13.82 -15.91
N LEU A 400 -15.67 -14.84 -15.42
CA LEU A 400 -16.43 -14.79 -14.19
C LEU A 400 -15.50 -14.53 -13.03
N SER A 401 -14.33 -15.21 -13.00
CA SER A 401 -13.32 -15.02 -11.97
C SER A 401 -12.75 -13.60 -12.02
N ALA A 402 -12.52 -13.06 -13.23
CA ALA A 402 -11.93 -11.73 -13.41
C ALA A 402 -12.86 -10.59 -13.03
N ILE A 403 -14.13 -10.61 -13.50
CA ILE A 403 -15.06 -9.52 -13.21
C ILE A 403 -15.50 -9.41 -11.76
N GLY A 404 -15.24 -10.44 -10.97
CA GLY A 404 -15.67 -10.53 -9.60
C GLY A 404 -15.32 -9.36 -8.73
N GLU A 405 -14.06 -8.93 -8.77
CA GLU A 405 -13.61 -7.85 -7.90
C GLU A 405 -14.29 -6.52 -8.20
N GLY A 406 -14.34 -6.16 -9.46
CA GLY A 406 -14.94 -4.92 -9.89
C GLY A 406 -16.45 -4.90 -9.95
N CYS A 407 -17.12 -6.06 -10.04
CA CYS A 407 -18.60 -6.07 -10.17
C CYS A 407 -19.32 -6.83 -9.06
N HIS A 408 -18.64 -7.15 -7.94
CA HIS A 408 -19.27 -8.03 -6.95
C HIS A 408 -20.51 -7.44 -6.33
N GLN A 409 -20.54 -6.13 -6.06
CA GLN A 409 -21.75 -5.49 -5.52
C GLN A 409 -22.97 -5.69 -6.46
N GLN A 410 -22.76 -5.61 -7.77
CA GLN A 410 -23.80 -5.81 -8.78
C GLN A 410 -24.09 -7.29 -9.04
N MET A 411 -23.12 -8.17 -8.78
CA MET A 411 -23.29 -9.60 -9.03
C MET A 411 -24.09 -10.30 -7.95
N GLU A 412 -24.19 -9.71 -6.74
CA GLU A 412 -25.05 -10.28 -5.70
C GLU A 412 -26.51 -10.09 -6.19
N GLY A 413 -27.32 -11.11 -6.01
CA GLY A 413 -28.69 -11.09 -6.52
C GLY A 413 -28.77 -12.27 -7.45
N ILE A 414 -27.85 -12.29 -8.42
CA ILE A 414 -27.70 -13.46 -9.26
C ILE A 414 -26.71 -14.47 -8.60
N LEU A 415 -26.02 -14.13 -7.48
CA LEU A 415 -25.00 -14.98 -6.86
C LEU A 415 -25.40 -16.44 -6.62
N ASN A 416 -26.60 -16.73 -6.11
CA ASN A 416 -26.99 -18.14 -5.89
C ASN A 416 -27.14 -18.90 -7.21
N GLU A 417 -27.57 -18.19 -8.26
CA GLU A 417 -27.69 -18.74 -9.59
C GLU A 417 -26.28 -18.97 -10.17
N ILE A 418 -25.37 -17.97 -10.08
CA ILE A 418 -23.99 -18.10 -10.54
C ILE A 418 -23.28 -19.27 -9.86
N VAL A 419 -23.34 -19.37 -8.54
CA VAL A 419 -22.68 -20.47 -7.82
C VAL A 419 -23.25 -21.84 -8.19
N ASN A 420 -24.58 -21.98 -8.22
CA ASN A 420 -25.17 -23.26 -8.54
C ASN A 420 -24.82 -23.71 -9.96
N PHE A 421 -24.66 -22.75 -10.88
CA PHE A 421 -24.33 -23.03 -12.27
C PHE A 421 -22.86 -23.40 -12.36
N VAL A 422 -21.98 -22.64 -11.70
CA VAL A 422 -20.55 -22.89 -11.75
C VAL A 422 -20.21 -24.26 -11.13
N LEU A 423 -20.91 -24.67 -10.07
CA LEU A 423 -20.69 -25.97 -9.44
C LEU A 423 -20.93 -27.19 -10.39
N LEU A 424 -21.70 -26.98 -11.45
CA LEU A 424 -21.94 -28.04 -12.43
C LEU A 424 -20.70 -28.21 -13.29
N PHE A 425 -19.94 -27.14 -13.57
CA PHE A 425 -18.76 -27.23 -14.40
C PHE A 425 -17.63 -28.04 -13.76
N LEU A 426 -17.70 -28.39 -12.46
CA LEU A 426 -16.66 -29.23 -11.82
C LEU A 426 -16.67 -30.69 -12.33
N GLN A 427 -17.81 -31.10 -12.93
CA GLN A 427 -18.06 -32.42 -13.50
C GLN A 427 -18.12 -32.25 -15.04
N ASP A 428 -17.30 -31.35 -15.61
CA ASP A 428 -17.30 -31.08 -17.05
C ASP A 428 -16.46 -32.12 -17.78
N PRO A 429 -16.81 -32.52 -19.02
CA PRO A 429 -15.98 -33.53 -19.73
C PRO A 429 -14.55 -33.11 -20.10
N HIS A 430 -14.16 -31.88 -19.78
CA HIS A 430 -12.84 -31.40 -20.07
C HIS A 430 -12.14 -31.08 -18.76
N PRO A 431 -10.97 -31.69 -18.51
CA PRO A 431 -10.24 -31.40 -17.28
C PRO A 431 -9.82 -29.92 -17.11
N ARG A 432 -9.48 -29.21 -18.21
CA ARG A 432 -9.12 -27.78 -18.09
C ARG A 432 -10.32 -26.92 -17.70
N VAL A 433 -11.54 -27.33 -18.08
CA VAL A 433 -12.75 -26.61 -17.69
C VAL A 433 -13.04 -26.92 -16.21
N ARG A 434 -12.88 -28.18 -15.76
CA ARG A 434 -13.01 -28.53 -14.34
C ARG A 434 -12.02 -27.67 -13.47
N TYR A 435 -10.88 -27.29 -14.05
CA TYR A 435 -9.84 -26.46 -13.43
C TYR A 435 -10.24 -24.99 -13.38
N ALA A 436 -10.81 -24.45 -14.49
CA ALA A 436 -11.28 -23.07 -14.50
C ALA A 436 -12.47 -22.94 -13.56
N ALA A 437 -13.33 -23.98 -13.43
CA ALA A 437 -14.45 -23.97 -12.48
C ALA A 437 -13.92 -23.85 -11.06
N CYS A 438 -12.84 -24.59 -10.72
CA CYS A 438 -12.16 -24.54 -9.41
C CYS A 438 -11.75 -23.13 -9.10
N ASN A 439 -11.14 -22.46 -10.09
CA ASN A 439 -10.67 -21.09 -10.07
C ASN A 439 -11.86 -20.16 -9.84
N ALA A 440 -12.98 -20.33 -10.57
CA ALA A 440 -14.17 -19.50 -10.41
C ALA A 440 -14.70 -19.59 -8.99
N VAL A 441 -14.84 -20.83 -8.45
CA VAL A 441 -15.30 -21.05 -7.08
C VAL A 441 -14.37 -20.42 -6.02
N GLY A 442 -13.07 -20.70 -6.14
CA GLY A 442 -12.08 -20.17 -5.20
C GLY A 442 -11.98 -18.67 -5.22
N GLN A 443 -12.07 -18.05 -6.40
CA GLN A 443 -12.00 -16.61 -6.54
C GLN A 443 -13.26 -15.95 -6.06
N MET A 444 -14.43 -16.56 -6.28
CA MET A 444 -15.67 -15.99 -5.73
C MET A 444 -15.65 -16.06 -4.22
N ALA A 445 -15.03 -17.10 -3.63
CA ALA A 445 -14.92 -17.20 -2.18
C ALA A 445 -14.13 -16.04 -1.59
N THR A 446 -13.25 -15.42 -2.35
CA THR A 446 -12.43 -14.30 -1.91
C THR A 446 -13.13 -12.97 -2.22
N ASP A 447 -13.66 -12.81 -3.44
CA ASP A 447 -14.32 -11.59 -3.89
C ASP A 447 -15.67 -11.36 -3.20
N PHE A 448 -16.36 -12.42 -2.82
CA PHE A 448 -17.68 -12.33 -2.17
C PHE A 448 -17.71 -12.78 -0.69
N ALA A 449 -16.60 -12.68 0.01
CA ALA A 449 -16.54 -13.07 1.41
C ALA A 449 -17.15 -11.96 2.30
N PRO A 450 -17.77 -12.31 3.44
CA PRO A 450 -18.03 -13.65 3.95
C PRO A 450 -19.44 -14.13 3.60
N GLY A 451 -20.16 -13.38 2.75
CA GLY A 451 -21.49 -13.69 2.28
C GLY A 451 -21.52 -15.01 1.58
N PHE A 452 -20.48 -15.30 0.76
CA PHE A 452 -20.33 -16.57 0.04
C PHE A 452 -20.31 -17.73 1.03
N GLN A 453 -19.45 -17.64 2.04
CA GLN A 453 -19.32 -18.67 3.05
C GLN A 453 -20.62 -18.90 3.81
N LYS A 454 -21.32 -17.82 4.21
CA LYS A 454 -22.58 -17.96 4.94
C LYS A 454 -23.66 -18.55 4.07
N LYS A 455 -23.66 -18.27 2.77
CA LYS A 455 -24.74 -18.72 1.89
C LYS A 455 -24.56 -20.09 1.29
N PHE A 456 -23.33 -20.48 0.96
CA PHE A 456 -23.08 -21.73 0.26
C PHE A 456 -22.09 -22.69 0.92
N HIS A 457 -21.92 -22.64 2.25
CA HIS A 457 -20.99 -23.56 2.94
C HIS A 457 -21.27 -25.03 2.63
N GLU A 458 -22.54 -25.46 2.75
CA GLU A 458 -23.00 -26.83 2.53
C GLU A 458 -22.61 -27.33 1.13
N LYS A 459 -23.05 -26.61 0.07
CA LYS A 459 -22.85 -26.95 -1.33
C LYS A 459 -21.38 -26.89 -1.80
N VAL A 460 -20.67 -25.78 -1.49
CA VAL A 460 -19.32 -25.53 -1.96
C VAL A 460 -18.30 -26.44 -1.30
N ILE A 461 -18.37 -26.65 0.03
CA ILE A 461 -17.40 -27.53 0.69
C ILE A 461 -17.58 -28.98 0.18
N ALA A 462 -18.84 -29.44 0.13
CA ALA A 462 -19.17 -30.76 -0.33
C ALA A 462 -18.68 -31.04 -1.75
N ALA A 463 -18.85 -30.05 -2.66
CA ALA A 463 -18.47 -30.14 -4.07
C ALA A 463 -16.99 -30.08 -4.30
N LEU A 464 -16.28 -29.33 -3.45
CA LEU A 464 -14.84 -29.21 -3.59
C LEU A 464 -14.16 -30.45 -3.06
N LEU A 465 -14.67 -31.03 -1.95
CA LEU A 465 -14.14 -32.27 -1.39
C LEU A 465 -14.29 -33.39 -2.41
N GLN A 466 -15.45 -33.48 -3.06
CA GLN A 466 -15.68 -34.48 -4.09
C GLN A 466 -14.71 -34.32 -5.28
N THR A 467 -14.40 -33.08 -5.70
CA THR A 467 -13.46 -32.85 -6.81
C THR A 467 -12.04 -33.21 -6.38
N MET A 468 -11.68 -32.92 -5.11
CA MET A 468 -10.40 -33.27 -4.51
C MET A 468 -10.21 -34.78 -4.36
N GLU A 469 -11.28 -35.58 -4.49
CA GLU A 469 -11.19 -37.01 -4.31
C GLU A 469 -11.44 -37.81 -5.62
N ASP A 470 -12.67 -37.79 -6.14
CA ASP A 470 -13.03 -38.56 -7.33
C ASP A 470 -12.51 -37.99 -8.66
N GLN A 471 -11.26 -37.46 -8.68
CA GLN A 471 -10.74 -36.93 -9.94
C GLN A 471 -9.66 -37.82 -10.55
N GLY A 472 -8.67 -38.24 -9.76
CA GLY A 472 -7.52 -39.00 -10.28
C GLY A 472 -6.77 -38.22 -11.35
N ASN A 473 -6.84 -36.85 -11.23
CA ASN A 473 -6.29 -35.82 -12.11
C ASN A 473 -5.65 -34.71 -11.27
N GLN A 474 -4.35 -34.87 -10.97
CA GLN A 474 -3.49 -34.01 -10.16
C GLN A 474 -3.82 -32.51 -10.18
N ARG A 475 -3.74 -31.82 -11.34
CA ARG A 475 -3.95 -30.38 -11.43
C ARG A 475 -5.33 -29.90 -10.94
N VAL A 476 -6.41 -30.57 -11.35
CA VAL A 476 -7.77 -30.24 -10.95
C VAL A 476 -7.94 -30.52 -9.47
N GLN A 477 -7.43 -31.65 -8.98
CA GLN A 477 -7.49 -32.01 -7.57
C GLN A 477 -6.75 -31.02 -6.67
N ALA A 478 -5.66 -30.43 -7.20
CA ALA A 478 -4.84 -29.44 -6.50
C ALA A 478 -5.55 -28.11 -6.47
N HIS A 479 -6.18 -27.70 -7.58
CA HIS A 479 -6.90 -26.45 -7.68
C HIS A 479 -8.14 -26.44 -6.82
N ALA A 480 -8.82 -27.58 -6.66
CA ALA A 480 -9.99 -27.71 -5.80
C ALA A 480 -9.56 -27.53 -4.34
N ALA A 481 -8.37 -28.05 -3.99
CA ALA A 481 -7.84 -27.89 -2.65
C ALA A 481 -7.52 -26.42 -2.43
N ALA A 482 -6.93 -25.73 -3.42
CA ALA A 482 -6.61 -24.31 -3.38
C ALA A 482 -7.87 -23.46 -3.21
N ALA A 483 -8.95 -23.79 -3.93
CA ALA A 483 -10.24 -23.11 -3.79
C ALA A 483 -10.79 -23.32 -2.38
N LEU A 484 -10.61 -24.52 -1.82
CA LEU A 484 -11.06 -24.81 -0.48
C LEU A 484 -10.31 -23.98 0.58
N ILE A 485 -9.01 -23.68 0.34
CA ILE A 485 -8.19 -22.83 1.21
C ILE A 485 -8.76 -21.44 1.18
N ASN A 486 -9.06 -20.90 -0.01
CA ASN A 486 -9.69 -19.58 -0.18
C ASN A 486 -11.00 -19.50 0.57
N PHE A 487 -11.81 -20.58 0.48
CA PHE A 487 -13.10 -20.68 1.14
C PHE A 487 -12.94 -20.64 2.65
N THR A 488 -12.14 -21.54 3.24
CA THR A 488 -11.97 -21.56 4.69
C THR A 488 -11.25 -20.31 5.23
N GLU A 489 -10.36 -19.68 4.44
CA GLU A 489 -9.61 -18.50 4.85
C GLU A 489 -10.50 -17.37 5.24
N ASP A 490 -11.53 -17.12 4.44
CA ASP A 490 -12.46 -16.03 4.74
C ASP A 490 -13.78 -16.52 5.36
N CYS A 491 -13.80 -17.75 5.87
CA CYS A 491 -14.99 -18.30 6.49
C CYS A 491 -15.05 -17.90 7.96
N PRO A 492 -16.18 -17.36 8.41
CA PRO A 492 -16.29 -16.99 9.82
C PRO A 492 -16.26 -18.24 10.70
N LYS A 493 -15.38 -18.24 11.75
CA LYS A 493 -15.21 -19.35 12.72
C LYS A 493 -16.56 -19.89 13.20
N SER A 494 -17.51 -18.95 13.39
CA SER A 494 -18.88 -19.16 13.80
C SER A 494 -19.54 -20.30 13.02
N LEU A 495 -19.49 -20.26 11.66
CA LEU A 495 -20.16 -21.30 10.88
C LEU A 495 -19.23 -22.33 10.24
N LEU A 496 -17.96 -22.39 10.68
CA LEU A 496 -17.05 -23.43 10.19
C LEU A 496 -17.08 -24.63 11.16
N ILE A 497 -17.17 -24.34 12.48
CA ILE A 497 -17.16 -25.34 13.55
C ILE A 497 -18.13 -26.54 13.33
N PRO A 498 -19.40 -26.42 12.83
CA PRO A 498 -20.19 -27.65 12.63
C PRO A 498 -19.59 -28.58 11.57
N TYR A 499 -18.97 -27.99 10.53
CA TYR A 499 -18.33 -28.75 9.44
C TYR A 499 -16.96 -29.33 9.79
N LEU A 500 -16.48 -29.10 11.03
CA LEU A 500 -15.18 -29.58 11.44
C LEU A 500 -15.02 -31.08 11.31
N ASP A 501 -15.79 -31.91 12.05
CA ASP A 501 -15.64 -33.36 11.98
C ASP A 501 -15.67 -33.92 10.54
N ASN A 502 -16.58 -33.43 9.70
CA ASN A 502 -16.68 -33.89 8.31
C ASN A 502 -15.44 -33.49 7.47
N LEU A 503 -15.14 -32.19 7.39
CA LEU A 503 -14.04 -31.67 6.59
C LEU A 503 -12.70 -32.23 7.03
N VAL A 504 -12.51 -32.36 8.34
CA VAL A 504 -11.28 -32.88 8.93
C VAL A 504 -11.09 -34.35 8.58
N LYS A 505 -12.16 -35.15 8.70
CA LYS A 505 -12.06 -36.58 8.39
C LYS A 505 -11.73 -36.79 6.91
N HIS A 506 -12.31 -35.96 6.02
CA HIS A 506 -12.08 -36.03 4.57
C HIS A 506 -10.68 -35.58 4.21
N LEU A 507 -10.17 -34.54 4.89
CA LEU A 507 -8.83 -34.01 4.61
C LEU A 507 -7.76 -34.99 5.06
N HIS A 508 -7.96 -35.64 6.22
CA HIS A 508 -7.02 -36.61 6.75
C HIS A 508 -6.84 -37.78 5.77
N SER A 509 -7.98 -38.29 5.23
CA SER A 509 -8.02 -39.39 4.26
C SER A 509 -7.17 -39.10 3.02
N ILE A 510 -7.30 -37.88 2.48
CA ILE A 510 -6.57 -37.47 1.27
C ILE A 510 -5.08 -37.25 1.56
N MET A 511 -4.77 -36.77 2.78
CA MET A 511 -3.40 -36.54 3.21
C MET A 511 -2.66 -37.86 3.30
N VAL A 512 -3.27 -38.88 3.94
CA VAL A 512 -2.64 -40.19 4.10
C VAL A 512 -2.44 -40.93 2.78
N LEU A 513 -3.38 -40.79 1.82
CA LEU A 513 -3.26 -41.46 0.52
C LEU A 513 -2.27 -40.77 -0.43
N LYS A 514 -2.22 -39.41 -0.42
CA LYS A 514 -1.30 -38.64 -1.28
C LYS A 514 0.15 -38.64 -0.75
N LEU A 515 0.35 -39.09 0.52
CA LEU A 515 1.62 -39.28 1.22
C LEU A 515 2.23 -40.66 0.80
N GLN A 516 1.36 -41.66 0.59
CA GLN A 516 1.78 -42.96 0.08
C GLN A 516 2.30 -42.77 -1.36
N GLU A 517 1.59 -41.95 -2.18
CA GLU A 517 1.91 -41.64 -3.59
C GLU A 517 3.24 -40.87 -3.73
N LEU A 518 3.59 -40.06 -2.73
CA LEU A 518 4.85 -39.34 -2.66
C LEU A 518 5.99 -40.37 -2.55
N ILE A 519 5.77 -41.47 -1.79
CA ILE A 519 6.68 -42.60 -1.56
C ILE A 519 6.75 -43.55 -2.79
N GLN A 520 5.61 -43.84 -3.45
CA GLN A 520 5.58 -44.71 -4.64
C GLN A 520 6.38 -44.09 -5.82
N LYS A 521 5.96 -42.89 -6.31
CA LYS A 521 6.68 -42.21 -7.39
C LYS A 521 7.27 -40.88 -6.95
N GLY A 522 6.43 -39.94 -6.54
CA GLY A 522 6.89 -38.63 -6.11
C GLY A 522 5.90 -37.52 -6.40
N THR A 523 4.61 -37.87 -6.54
CA THR A 523 3.54 -36.91 -6.77
C THR A 523 3.24 -36.20 -5.46
N LYS A 524 3.24 -34.87 -5.51
CA LYS A 524 3.08 -34.03 -4.32
C LYS A 524 2.20 -32.79 -4.51
N LEU A 525 1.86 -32.44 -5.77
CA LEU A 525 1.08 -31.24 -6.11
C LEU A 525 -0.17 -31.10 -5.29
N VAL A 526 -0.90 -32.18 -5.09
CA VAL A 526 -2.13 -32.18 -4.34
C VAL A 526 -1.85 -32.16 -2.86
N LEU A 527 -0.88 -32.96 -2.41
CA LEU A 527 -0.47 -33.07 -1.01
C LEU A 527 -0.01 -31.72 -0.41
N GLU A 528 0.65 -30.87 -1.23
CA GLU A 528 1.07 -29.53 -0.82
C GLU A 528 -0.18 -28.73 -0.45
N GLN A 529 -1.18 -28.77 -1.31
CA GLN A 529 -2.42 -28.05 -1.12
C GLN A 529 -3.24 -28.64 0.02
N VAL A 530 -3.25 -29.97 0.22
CA VAL A 530 -4.02 -30.60 1.30
C VAL A 530 -3.45 -30.11 2.63
N VAL A 531 -2.11 -30.12 2.77
CA VAL A 531 -1.43 -29.64 3.97
C VAL A 531 -1.81 -28.17 4.30
N THR A 532 -1.71 -27.25 3.31
CA THR A 532 -2.07 -25.83 3.45
C THR A 532 -3.56 -25.66 3.77
N SER A 533 -4.40 -26.55 3.20
CA SER A 533 -5.85 -26.57 3.42
C SER A 533 -6.15 -26.92 4.86
N ILE A 534 -5.40 -27.89 5.44
CA ILE A 534 -5.52 -28.34 6.84
C ILE A 534 -5.14 -27.21 7.76
N ALA A 535 -4.02 -26.52 7.43
CA ALA A 535 -3.49 -25.38 8.16
C ALA A 535 -4.53 -24.28 8.22
N SER A 536 -5.20 -23.99 7.09
CA SER A 536 -6.21 -22.97 6.99
C SER A 536 -7.42 -23.28 7.89
N VAL A 537 -7.86 -24.56 7.88
CA VAL A 537 -8.97 -25.03 8.70
C VAL A 537 -8.57 -24.92 10.17
N ALA A 538 -7.38 -25.42 10.53
CA ALA A 538 -6.87 -25.36 11.90
C ALA A 538 -6.82 -23.93 12.43
N ASP A 539 -6.19 -22.99 11.68
CA ASP A 539 -6.04 -21.58 12.00
C ASP A 539 -7.39 -20.90 12.29
N THR A 540 -8.39 -21.15 11.43
CA THR A 540 -9.73 -20.59 11.55
C THR A 540 -10.47 -21.20 12.73
N ALA A 541 -10.31 -22.52 12.96
CA ALA A 541 -10.96 -23.25 14.05
C ALA A 541 -10.46 -22.90 15.43
N GLU A 542 -9.23 -22.33 15.54
CA GLU A 542 -8.59 -21.94 16.80
C GLU A 542 -8.66 -23.08 17.85
N GLU A 543 -9.23 -22.81 19.05
CA GLU A 543 -9.37 -23.75 20.15
C GLU A 543 -10.20 -24.99 19.82
N LYS A 544 -11.10 -24.89 18.83
CA LYS A 544 -11.94 -26.03 18.44
C LYS A 544 -11.20 -27.10 17.63
N PHE A 545 -9.92 -26.86 17.27
CA PHE A 545 -9.14 -27.83 16.52
C PHE A 545 -8.43 -28.86 17.40
N VAL A 546 -8.23 -28.55 18.70
CA VAL A 546 -7.53 -29.48 19.61
C VAL A 546 -8.11 -30.94 19.57
N PRO A 547 -9.44 -31.23 19.45
CA PRO A 547 -9.86 -32.65 19.38
C PRO A 547 -9.37 -33.41 18.15
N TYR A 548 -8.88 -32.68 17.14
CA TYR A 548 -8.37 -33.25 15.89
C TYR A 548 -6.85 -33.10 15.72
N TYR A 549 -6.13 -32.69 16.78
CA TYR A 549 -4.69 -32.46 16.78
C TYR A 549 -3.88 -33.75 16.56
N ASP A 550 -4.21 -34.82 17.29
CA ASP A 550 -3.51 -36.11 17.18
C ASP A 550 -3.67 -36.77 15.81
N LEU A 551 -4.74 -36.44 15.07
CA LEU A 551 -5.02 -37.05 13.77
C LEU A 551 -4.08 -36.57 12.65
N PHE A 552 -3.49 -35.37 12.80
CA PHE A 552 -2.60 -34.83 11.79
C PHE A 552 -1.16 -34.61 12.27
N MET A 553 -0.96 -34.20 13.53
CA MET A 553 0.38 -33.86 14.06
C MET A 553 1.49 -34.89 13.74
N PRO A 554 1.34 -36.20 14.03
CA PRO A 554 2.43 -37.14 13.71
C PRO A 554 2.63 -37.40 12.22
N SER A 555 1.59 -37.15 11.41
CA SER A 555 1.65 -37.33 9.97
C SER A 555 2.49 -36.20 9.37
N LEU A 556 2.26 -34.95 9.83
CA LEU A 556 2.98 -33.77 9.37
C LEU A 556 4.41 -33.78 9.86
N LYS A 557 4.65 -34.19 11.13
CA LYS A 557 6.03 -34.25 11.65
C LYS A 557 6.89 -35.21 10.82
N HIS A 558 6.27 -36.32 10.36
CA HIS A 558 6.89 -37.34 9.52
C HIS A 558 7.26 -36.79 8.14
N ILE A 559 6.45 -35.85 7.63
CA ILE A 559 6.66 -35.20 6.35
C ILE A 559 7.90 -34.31 6.35
N VAL A 560 8.12 -33.48 7.39
CA VAL A 560 9.27 -32.58 7.42
C VAL A 560 10.60 -33.34 7.53
N GLU A 561 10.58 -34.58 8.04
CA GLU A 561 11.78 -35.42 8.12
C GLU A 561 12.01 -36.17 6.79
N ASN A 562 10.92 -36.48 6.07
CA ASN A 562 10.91 -37.16 4.76
C ASN A 562 11.41 -36.17 3.66
N ALA A 563 10.66 -35.07 3.43
CA ALA A 563 10.89 -34.05 2.40
C ALA A 563 12.18 -33.24 2.54
N VAL A 564 13.32 -33.87 2.23
CA VAL A 564 14.62 -33.19 2.31
C VAL A 564 15.18 -32.82 0.91
N GLN A 565 14.63 -33.39 -0.17
CA GLN A 565 15.07 -33.10 -1.53
C GLN A 565 14.72 -31.67 -2.01
N LYS A 566 15.46 -31.15 -3.03
CA LYS A 566 15.24 -29.82 -3.62
C LYS A 566 13.91 -29.73 -4.38
N GLU A 567 13.36 -30.87 -4.83
CA GLU A 567 12.07 -30.91 -5.52
C GLU A 567 10.96 -30.62 -4.49
N LEU A 568 11.07 -31.24 -3.31
CA LEU A 568 10.11 -31.11 -2.22
C LEU A 568 10.36 -29.91 -1.31
N ARG A 569 11.19 -28.93 -1.72
CA ARG A 569 11.48 -27.76 -0.88
C ARG A 569 10.20 -27.01 -0.41
N LEU A 570 9.23 -26.82 -1.34
CA LEU A 570 7.96 -26.13 -1.04
C LEU A 570 7.04 -26.96 -0.19
N LEU A 571 7.03 -28.26 -0.40
CA LEU A 571 6.21 -29.18 0.39
C LEU A 571 6.70 -29.23 1.87
N ARG A 572 8.01 -29.08 2.12
CA ARG A 572 8.55 -29.10 3.48
C ARG A 572 8.25 -27.78 4.21
N GLY A 573 8.38 -26.68 3.50
CA GLY A 573 8.10 -25.36 4.06
C GLY A 573 6.64 -25.21 4.41
N LYS A 574 5.75 -25.69 3.52
CA LYS A 574 4.30 -25.64 3.73
C LYS A 574 3.87 -26.52 4.89
N THR A 575 4.60 -27.61 5.17
CA THR A 575 4.29 -28.51 6.27
C THR A 575 4.68 -27.88 7.60
N ILE A 576 5.80 -27.16 7.63
CA ILE A 576 6.29 -26.42 8.81
C ILE A 576 5.30 -25.31 9.17
N GLU A 577 4.77 -24.62 8.14
CA GLU A 577 3.76 -23.58 8.28
C GLU A 577 2.48 -24.21 8.87
N CYS A 578 2.09 -25.37 8.36
CA CYS A 578 0.93 -26.09 8.84
C CYS A 578 1.10 -26.49 10.31
N ILE A 579 2.26 -27.06 10.64
CA ILE A 579 2.64 -27.49 11.99
C ILE A 579 2.60 -26.32 13.00
N SER A 580 3.26 -25.21 12.67
CA SER A 580 3.30 -24.04 13.53
C SER A 580 1.92 -23.36 13.67
N LEU A 581 1.08 -23.45 12.62
CA LEU A 581 -0.28 -22.88 12.67
C LEU A 581 -1.25 -23.77 13.46
N ILE A 582 -0.96 -25.06 13.59
CA ILE A 582 -1.79 -26.00 14.34
C ILE A 582 -1.56 -25.80 15.83
N GLY A 583 -0.29 -25.69 16.23
CA GLY A 583 0.10 -25.46 17.61
C GLY A 583 -0.33 -24.09 18.11
N LEU A 584 -0.35 -23.10 17.21
CA LEU A 584 -0.78 -21.74 17.50
C LEU A 584 -2.29 -21.72 17.74
N ALA A 585 -3.06 -22.50 16.96
CA ALA A 585 -4.51 -22.56 17.12
C ALA A 585 -4.90 -23.25 18.44
N VAL A 586 -4.29 -24.43 18.75
CA VAL A 586 -4.60 -25.16 19.98
C VAL A 586 -4.09 -24.47 21.27
N GLY A 587 -3.10 -23.58 21.13
CA GLY A 587 -2.54 -22.86 22.26
C GLY A 587 -1.35 -23.56 22.88
N LYS A 588 -0.59 -22.85 23.72
CA LYS A 588 0.61 -23.35 24.40
C LYS A 588 0.41 -24.61 25.24
N GLU A 589 -0.76 -24.79 25.87
CA GLU A 589 -0.98 -25.96 26.72
C GLU A 589 -1.05 -27.25 25.90
N LYS A 590 -1.94 -27.31 24.90
CA LYS A 590 -2.12 -28.50 24.06
C LYS A 590 -0.89 -28.82 23.21
N PHE A 591 -0.17 -27.78 22.81
CA PHE A 591 1.03 -27.91 22.00
C PHE A 591 2.20 -28.50 22.77
N MET A 592 2.28 -28.24 24.09
CA MET A 592 3.39 -28.72 24.94
C MET A 592 3.63 -30.24 24.87
N GLN A 593 2.61 -31.04 24.46
CA GLN A 593 2.70 -32.50 24.33
C GLN A 593 3.68 -32.94 23.23
N ASP A 594 3.67 -32.26 22.07
CA ASP A 594 4.58 -32.58 20.98
C ASP A 594 5.54 -31.42 20.65
N ALA A 595 5.73 -30.47 21.60
CA ALA A 595 6.55 -29.27 21.41
C ALA A 595 8.05 -29.53 21.29
N SER A 596 8.61 -30.43 22.11
CA SER A 596 10.05 -30.70 22.09
C SER A 596 10.48 -31.37 20.78
N ASP A 597 9.82 -32.48 20.42
CA ASP A 597 10.11 -33.20 19.19
C ASP A 597 9.91 -32.32 17.94
N VAL A 598 9.10 -31.23 18.05
CA VAL A 598 8.83 -30.36 16.92
C VAL A 598 9.73 -29.12 16.89
N MET A 599 10.25 -28.69 18.06
CA MET A 599 11.16 -27.54 18.09
C MET A 599 12.54 -27.95 17.54
N GLN A 600 12.93 -29.22 17.76
CA GLN A 600 14.16 -29.78 17.23
C GLN A 600 14.07 -29.93 15.70
N LEU A 601 12.85 -30.14 15.15
CA LEU A 601 12.65 -30.23 13.70
C LEU A 601 13.05 -28.92 13.05
N LEU A 602 12.61 -27.80 13.65
CA LEU A 602 12.90 -26.45 13.19
C LEU A 602 14.37 -26.12 13.35
N LEU A 603 14.97 -26.54 14.48
CA LEU A 603 16.38 -26.32 14.73
C LEU A 603 17.24 -27.02 13.69
N LYS A 604 16.87 -28.27 13.36
CA LYS A 604 17.61 -29.06 12.38
C LYS A 604 17.38 -28.55 10.97
N THR A 605 16.12 -28.21 10.63
CA THR A 605 15.81 -27.68 9.30
C THR A 605 16.31 -26.26 9.06
N GLN A 606 16.74 -25.56 10.11
CA GLN A 606 17.30 -24.22 9.97
C GLN A 606 18.73 -24.37 9.45
N THR A 607 19.51 -25.30 10.02
CA THR A 607 20.88 -25.59 9.57
C THR A 607 20.89 -26.30 8.19
N ASP A 608 19.82 -27.03 7.85
CA ASP A 608 19.65 -27.69 6.56
C ASP A 608 19.30 -26.64 5.49
N PHE A 609 18.47 -25.65 5.86
CA PHE A 609 18.10 -24.56 4.96
C PHE A 609 19.26 -23.56 4.78
N ASN A 610 20.11 -23.40 5.82
CA ASN A 610 21.26 -22.49 5.80
C ASN A 610 22.54 -23.09 5.19
N ASP A 611 22.75 -24.43 5.31
CA ASP A 611 23.93 -25.09 4.71
C ASP A 611 23.88 -25.09 3.16
N MET A 612 22.69 -24.86 2.59
CA MET A 612 22.42 -24.72 1.15
C MET A 612 21.92 -23.28 0.96
N GLU A 613 22.82 -22.30 1.21
CA GLU A 613 22.55 -20.87 1.12
C GLU A 613 21.90 -20.45 -0.21
N ASP A 614 20.67 -19.89 -0.14
CA ASP A 614 19.92 -19.45 -1.32
C ASP A 614 19.10 -18.16 -0.99
N ASP A 615 17.82 -18.05 -1.47
CA ASP A 615 16.87 -16.95 -1.29
C ASP A 615 15.57 -17.27 -2.06
N ASP A 616 14.41 -16.84 -1.51
CA ASP A 616 13.05 -16.90 -2.09
C ASP A 616 12.10 -18.03 -1.63
N PRO A 617 12.44 -19.32 -1.41
CA PRO A 617 11.39 -20.29 -1.07
C PRO A 617 11.14 -20.48 0.45
N GLN A 618 11.91 -21.37 1.10
CA GLN A 618 11.78 -21.73 2.50
C GLN A 618 12.04 -20.58 3.48
N ILE A 619 12.63 -19.48 3.00
CA ILE A 619 12.95 -18.33 3.84
C ILE A 619 11.73 -17.80 4.59
N SER A 620 10.72 -17.31 3.88
CA SER A 620 9.53 -16.78 4.53
C SER A 620 8.77 -17.83 5.32
N TYR A 621 8.89 -19.11 4.96
CA TYR A 621 8.18 -20.17 5.67
C TYR A 621 8.78 -20.38 7.04
N MET A 622 10.12 -20.39 7.11
CA MET A 622 10.89 -20.57 8.33
C MET A 622 10.75 -19.39 9.30
N ILE A 623 10.92 -18.14 8.78
CA ILE A 623 10.83 -16.91 9.57
C ILE A 623 9.51 -16.85 10.34
N SER A 624 8.40 -17.04 9.63
CA SER A 624 7.06 -17.00 10.15
C SER A 624 6.77 -18.16 11.11
N ALA A 625 7.38 -19.34 10.88
CA ALA A 625 7.20 -20.51 11.73
C ALA A 625 7.87 -20.33 13.08
N TRP A 626 9.05 -19.69 13.10
CA TRP A 626 9.74 -19.42 14.35
C TRP A 626 8.95 -18.38 15.13
N ALA A 627 8.51 -17.31 14.44
CA ALA A 627 7.72 -16.27 15.07
C ALA A 627 6.44 -16.79 15.67
N ARG A 628 5.80 -17.79 15.01
CA ARG A 628 4.61 -18.43 15.55
C ARG A 628 4.95 -19.17 16.84
N MET A 629 6.16 -19.77 16.94
CA MET A 629 6.63 -20.47 18.12
C MET A 629 6.86 -19.52 19.29
N CYS A 630 7.25 -18.27 19.00
CA CYS A 630 7.47 -17.22 19.99
C CYS A 630 6.15 -16.76 20.59
N LYS A 631 5.08 -16.69 19.77
CA LYS A 631 3.76 -16.31 20.27
C LYS A 631 3.22 -17.42 21.15
N ILE A 632 3.41 -18.68 20.73
CA ILE A 632 2.98 -19.84 21.53
C ILE A 632 3.71 -19.87 22.88
N LEU A 633 5.07 -19.92 22.86
CA LEU A 633 5.97 -20.09 24.00
C LEU A 633 6.16 -18.88 24.91
N GLY A 634 6.06 -17.68 24.35
CA GLY A 634 6.23 -16.43 25.09
C GLY A 634 7.62 -16.24 25.67
N LYS A 635 7.72 -16.31 27.02
CA LYS A 635 8.98 -16.12 27.75
C LYS A 635 9.92 -17.33 27.66
N GLU A 636 9.45 -18.50 27.21
CA GLU A 636 10.33 -19.67 27.05
C GLU A 636 11.05 -19.69 25.67
N PHE A 637 10.68 -18.74 24.76
CA PHE A 637 11.30 -18.62 23.44
C PHE A 637 12.73 -18.08 23.54
N GLN A 638 13.02 -17.24 24.56
CA GLN A 638 14.32 -16.61 24.80
C GLN A 638 15.56 -17.47 24.41
N GLN A 639 15.57 -18.76 24.77
CA GLN A 639 16.71 -19.63 24.46
C GLN A 639 16.97 -19.80 22.96
N TYR A 640 15.92 -19.75 22.15
CA TYR A 640 16.02 -19.90 20.68
C TYR A 640 16.38 -18.60 19.96
N LEU A 641 16.39 -17.46 20.66
CA LEU A 641 16.67 -16.15 20.10
C LEU A 641 17.95 -16.06 19.27
N PRO A 642 19.10 -16.63 19.69
CA PRO A 642 20.31 -16.51 18.86
C PRO A 642 20.22 -17.35 17.58
N VAL A 643 19.43 -18.44 17.61
CA VAL A 643 19.29 -19.28 16.45
C VAL A 643 18.34 -18.65 15.43
N VAL A 644 17.30 -17.91 15.88
CA VAL A 644 16.35 -17.31 14.95
C VAL A 644 16.74 -15.90 14.53
N MET A 645 17.37 -15.14 15.43
CA MET A 645 17.73 -13.75 15.17
C MET A 645 18.78 -13.57 14.14
N GLY A 646 19.74 -14.46 14.11
CA GLY A 646 20.81 -14.39 13.14
C GLY A 646 20.32 -14.42 11.70
N PRO A 647 19.65 -15.52 11.33
CA PRO A 647 19.15 -15.63 9.96
C PRO A 647 18.12 -14.57 9.65
N LEU A 648 17.23 -14.23 10.61
CA LEU A 648 16.18 -13.21 10.46
C LEU A 648 16.79 -11.86 10.08
N MET A 649 17.89 -11.51 10.73
CA MET A 649 18.57 -10.26 10.47
C MET A 649 19.15 -10.22 9.07
N LYS A 650 19.67 -11.36 8.59
CA LYS A 650 20.29 -11.42 7.27
C LYS A 650 19.28 -11.13 6.16
N THR A 651 18.08 -11.75 6.20
CA THR A 651 17.07 -11.54 5.15
C THR A 651 16.35 -10.20 5.35
N ALA A 652 16.27 -9.68 6.58
CA ALA A 652 15.69 -8.36 6.85
C ALA A 652 16.61 -7.22 6.38
N SER A 653 17.87 -7.52 6.00
CA SER A 653 18.86 -6.53 5.59
C SER A 653 19.23 -6.60 4.11
N ILE A 654 18.52 -7.41 3.30
CA ILE A 654 18.87 -7.56 1.89
C ILE A 654 18.82 -6.24 1.15
N LYS A 655 19.96 -5.83 0.61
CA LYS A 655 20.05 -4.62 -0.18
C LYS A 655 19.65 -5.09 -1.58
N PRO A 656 18.56 -4.59 -2.18
CA PRO A 656 18.19 -5.07 -3.52
C PRO A 656 19.08 -4.52 -4.63
N GLU A 657 19.35 -5.34 -5.64
CA GLU A 657 20.23 -4.96 -6.76
C GLU A 657 19.56 -3.94 -7.68
N VAL A 658 20.12 -2.75 -7.68
CA VAL A 658 19.60 -1.66 -8.49
C VAL A 658 20.56 -1.30 -9.63
N ALA A 659 20.04 -1.11 -10.85
CA ALA A 659 20.83 -0.74 -12.01
C ALA A 659 20.34 0.56 -12.65
N LEU A 660 21.24 1.35 -13.25
CA LEU A 660 20.85 2.59 -13.93
C LEU A 660 21.24 2.56 -15.39
N LEU A 661 20.74 1.54 -16.10
CA LEU A 661 21.02 1.35 -17.52
C LEU A 661 20.33 2.43 -18.40
N ASP A 662 20.53 2.38 -19.73
CA ASP A 662 19.89 3.31 -20.64
C ASP A 662 19.41 2.59 -21.91
N THR A 663 18.56 3.27 -22.72
CA THR A 663 18.01 2.78 -24.01
C THR A 663 17.21 1.43 -23.78
N GLN A 664 17.09 0.53 -24.81
CA GLN A 664 16.35 -0.74 -24.75
C GLN A 664 17.11 -1.86 -24.03
N ASP A 665 17.58 -1.60 -22.79
CA ASP A 665 18.29 -2.60 -22.00
C ASP A 665 17.36 -3.33 -21.03
N MET A 666 16.11 -3.54 -21.46
CA MET A 666 15.08 -4.30 -20.76
C MET A 666 14.60 -5.51 -21.63
N GLU A 667 15.43 -5.94 -22.62
CA GLU A 667 15.19 -7.07 -23.51
C GLU A 667 16.05 -8.26 -23.06
N ASN A 668 17.33 -7.99 -22.72
CA ASN A 668 18.26 -9.00 -22.22
C ASN A 668 17.92 -9.42 -20.76
N MET A 669 17.32 -8.49 -19.99
CA MET A 669 16.90 -8.71 -18.59
C MET A 669 15.37 -8.99 -18.46
N SER A 670 14.68 -9.22 -19.60
CA SER A 670 13.24 -9.54 -19.64
C SER A 670 13.00 -10.99 -19.19
N ASP A 671 13.97 -11.91 -19.50
CA ASP A 671 13.96 -13.33 -19.13
C ASP A 671 13.98 -13.53 -17.61
N ASP A 672 14.54 -12.55 -16.86
CA ASP A 672 14.56 -12.58 -15.41
C ASP A 672 13.11 -12.46 -14.91
N ASP A 673 12.33 -11.52 -15.52
CA ASP A 673 10.92 -11.21 -15.22
C ASP A 673 10.76 -10.41 -13.91
N GLY A 674 11.45 -10.86 -12.86
CA GLY A 674 11.44 -10.18 -11.57
C GLY A 674 12.23 -8.89 -11.58
N TRP A 675 13.17 -8.72 -12.54
CA TRP A 675 13.95 -7.50 -12.64
C TRP A 675 13.08 -6.40 -13.27
N GLU A 676 12.31 -5.66 -12.45
CA GLU A 676 11.41 -4.61 -12.94
C GLU A 676 12.10 -3.29 -13.18
N PHE A 677 11.77 -2.65 -14.32
CA PHE A 677 12.38 -1.39 -14.71
C PHE A 677 11.37 -0.26 -14.86
N VAL A 678 11.68 0.89 -14.27
CA VAL A 678 10.89 2.10 -14.38
C VAL A 678 11.64 3.07 -15.31
N ASN A 679 11.12 3.22 -16.53
CA ASN A 679 11.76 4.09 -17.52
C ASN A 679 11.70 5.57 -17.11
N LEU A 680 12.85 6.11 -16.68
CA LEU A 680 12.95 7.52 -16.33
C LEU A 680 13.06 8.33 -17.64
N GLY A 681 12.84 9.63 -17.55
CA GLY A 681 12.96 10.51 -18.72
C GLY A 681 14.42 10.67 -19.15
N ASP A 682 14.61 11.18 -20.36
CA ASP A 682 15.92 11.48 -20.95
C ASP A 682 16.77 10.21 -21.18
N GLN A 683 16.11 9.15 -21.71
CA GLN A 683 16.62 7.83 -22.12
C GLN A 683 17.15 6.94 -20.98
N GLN A 684 17.58 7.55 -19.85
CA GLN A 684 18.07 6.78 -18.71
C GLN A 684 16.93 5.96 -18.10
N SER A 685 17.26 4.88 -17.40
CA SER A 685 16.26 4.02 -16.77
C SER A 685 16.71 3.51 -15.39
N PHE A 686 15.78 3.00 -14.60
CA PHE A 686 16.09 2.49 -13.27
C PHE A 686 15.55 1.06 -13.16
N GLY A 687 16.38 0.11 -12.75
CA GLY A 687 15.96 -1.27 -12.58
C GLY A 687 16.17 -1.79 -11.19
N ILE A 688 15.26 -2.62 -10.69
CA ILE A 688 15.38 -3.15 -9.34
C ILE A 688 15.04 -4.66 -9.27
N LYS A 689 15.92 -5.42 -8.60
CA LYS A 689 15.74 -6.87 -8.41
C LYS A 689 14.65 -7.10 -7.35
N THR A 690 13.39 -7.36 -7.78
CA THR A 690 12.24 -7.60 -6.88
C THR A 690 12.39 -8.90 -6.01
N ALA A 691 13.41 -9.72 -6.32
CA ALA A 691 13.72 -10.95 -5.60
C ALA A 691 14.09 -10.63 -4.16
N GLY A 692 13.32 -11.17 -3.23
CA GLY A 692 13.58 -10.97 -1.82
C GLY A 692 13.01 -9.70 -1.23
N LEU A 693 12.35 -8.85 -2.05
CA LEU A 693 11.72 -7.64 -1.53
C LEU A 693 10.58 -8.00 -0.60
N GLU A 694 9.83 -9.06 -0.90
CA GLU A 694 8.77 -9.54 -0.02
C GLU A 694 9.30 -10.33 1.18
N GLU A 695 10.47 -10.94 1.02
CA GLU A 695 11.16 -11.68 2.07
C GLU A 695 11.71 -10.67 3.09
N LYS A 696 12.26 -9.53 2.62
CA LYS A 696 12.80 -8.45 3.44
C LYS A 696 11.68 -7.90 4.28
N SER A 697 10.54 -7.61 3.65
CA SER A 697 9.36 -7.06 4.30
C SER A 697 8.83 -8.01 5.35
N THR A 698 8.80 -9.32 5.05
CA THR A 698 8.31 -10.33 5.98
C THR A 698 9.12 -10.32 7.24
N ALA A 699 10.46 -10.23 7.08
CA ALA A 699 11.44 -10.24 8.14
C ALA A 699 11.35 -8.99 8.97
N CYS A 700 11.11 -7.83 8.35
CA CYS A 700 10.96 -6.60 9.08
C CYS A 700 9.69 -6.62 9.92
N GLN A 701 8.61 -7.12 9.37
CA GLN A 701 7.38 -7.31 10.11
C GLN A 701 7.57 -8.31 11.23
N MET A 702 8.50 -9.27 11.10
CA MET A 702 8.77 -10.26 12.14
C MET A 702 9.56 -9.66 13.25
N LEU A 703 10.50 -8.76 12.94
CA LEU A 703 11.27 -8.08 13.94
C LEU A 703 10.34 -7.23 14.81
N VAL A 704 9.30 -6.60 14.20
CA VAL A 704 8.26 -5.85 14.92
C VAL A 704 7.50 -6.79 15.86
N CYS A 705 7.29 -8.04 15.47
CA CYS A 705 6.59 -9.02 16.30
C CYS A 705 7.41 -9.40 17.48
N TYR A 706 8.71 -9.64 17.27
CA TYR A 706 9.57 -10.03 18.37
C TYR A 706 9.66 -8.90 19.39
N ALA A 707 9.79 -7.65 18.91
CA ALA A 707 9.88 -6.48 19.78
C ALA A 707 8.63 -6.34 20.63
N LYS A 708 7.43 -6.49 20.02
CA LYS A 708 6.15 -6.37 20.70
C LYS A 708 5.91 -7.53 21.67
N GLU A 709 6.12 -8.80 21.23
CA GLU A 709 5.87 -9.94 22.12
C GLU A 709 6.82 -10.00 23.27
N LEU A 710 8.12 -9.85 23.00
CA LEU A 710 9.12 -10.01 24.00
C LEU A 710 9.32 -8.81 24.91
N LYS A 711 9.17 -7.57 24.41
CA LYS A 711 9.39 -6.34 25.21
C LYS A 711 10.84 -6.40 25.80
N GLU A 712 10.99 -6.33 27.14
CA GLU A 712 12.21 -6.46 27.94
C GLU A 712 13.11 -7.60 27.46
N GLY A 713 12.52 -8.67 26.95
CA GLY A 713 13.28 -9.84 26.53
C GLY A 713 14.17 -9.65 25.35
N PHE A 714 13.96 -8.56 24.58
CA PHE A 714 14.65 -8.26 23.31
C PHE A 714 15.85 -7.26 23.40
N VAL A 715 16.18 -6.75 24.60
CA VAL A 715 17.22 -5.72 24.85
C VAL A 715 18.62 -5.99 24.20
N GLU A 716 19.05 -7.24 24.17
CA GLU A 716 20.32 -7.59 23.54
C GLU A 716 20.28 -7.25 22.02
N TYR A 717 19.10 -7.35 21.40
CA TYR A 717 18.92 -7.07 19.97
C TYR A 717 18.47 -5.67 19.64
N THR A 718 17.98 -4.91 20.64
CA THR A 718 17.44 -3.56 20.39
C THR A 718 18.39 -2.66 19.65
N GLU A 719 19.69 -2.60 20.02
CA GLU A 719 20.62 -1.70 19.35
C GLU A 719 20.84 -2.03 17.89
N GLN A 720 21.09 -3.32 17.57
CA GLN A 720 21.33 -3.71 16.18
C GLN A 720 20.07 -3.67 15.33
N VAL A 721 18.89 -3.92 15.93
CA VAL A 721 17.62 -3.81 15.20
C VAL A 721 17.34 -2.31 14.95
N VAL A 722 17.60 -1.42 15.93
CA VAL A 722 17.45 0.03 15.78
C VAL A 722 18.37 0.52 14.66
N LYS A 723 19.61 0.02 14.62
CA LYS A 723 20.55 0.43 13.58
C LYS A 723 20.09 -0.01 12.19
N LEU A 724 19.42 -1.17 12.10
CA LEU A 724 18.90 -1.72 10.85
C LEU A 724 17.66 -0.96 10.36
N MET A 725 16.73 -0.71 11.27
CA MET A 725 15.43 -0.16 10.96
C MET A 725 15.46 1.31 10.59
N VAL A 726 16.25 2.15 11.24
CA VAL A 726 16.30 3.59 10.94
C VAL A 726 16.46 3.89 9.42
N PRO A 727 17.43 3.28 8.71
CA PRO A 727 17.55 3.55 7.27
C PRO A 727 16.35 3.07 6.46
N LEU A 728 15.67 2.01 6.93
CA LEU A 728 14.50 1.49 6.24
C LEU A 728 13.31 2.44 6.30
N LEU A 729 13.35 3.52 7.11
CA LEU A 729 12.29 4.55 7.07
C LEU A 729 12.29 5.28 5.70
N LYS A 730 13.42 5.25 4.97
CA LYS A 730 13.65 5.88 3.68
C LYS A 730 13.79 4.82 2.56
N PHE A 731 13.17 3.60 2.73
CA PHE A 731 13.22 2.48 1.77
C PHE A 731 11.99 2.55 0.88
N TYR A 732 12.04 3.42 -0.10
CA TYR A 732 10.90 3.72 -0.95
C TYR A 732 10.52 2.56 -1.90
N PHE A 733 11.28 1.47 -1.92
CA PHE A 733 11.01 0.34 -2.80
C PHE A 733 9.92 -0.60 -2.34
N HIS A 734 9.55 -0.55 -1.07
CA HIS A 734 8.52 -1.44 -0.54
C HIS A 734 7.89 -0.82 0.70
N ASP A 735 6.62 -0.45 0.57
CA ASP A 735 5.87 0.22 1.62
C ASP A 735 5.77 -0.59 2.91
N GLY A 736 5.64 -1.89 2.80
CA GLY A 736 5.51 -2.76 3.96
C GLY A 736 6.71 -2.77 4.87
N VAL A 737 7.90 -2.50 4.29
CA VAL A 737 9.17 -2.42 5.00
C VAL A 737 9.16 -1.09 5.75
N ARG A 738 8.83 0.03 5.06
CA ARG A 738 8.79 1.34 5.68
C ARG A 738 7.86 1.39 6.87
N VAL A 739 6.70 0.76 6.76
CA VAL A 739 5.71 0.70 7.83
C VAL A 739 6.27 -0.10 9.00
N ALA A 740 6.95 -1.24 8.72
CA ALA A 740 7.57 -2.06 9.77
C ALA A 740 8.66 -1.26 10.49
N ALA A 741 9.50 -0.54 9.72
CA ALA A 741 10.57 0.30 10.24
C ALA A 741 9.96 1.36 11.16
N ALA A 742 8.90 2.06 10.68
CA ALA A 742 8.17 3.07 11.43
C ALA A 742 7.54 2.46 12.70
N GLU A 743 6.85 1.33 12.58
CA GLU A 743 6.20 0.67 13.70
C GLU A 743 7.19 0.23 14.76
N SER A 744 8.38 -0.22 14.35
CA SER A 744 9.36 -0.72 15.28
C SER A 744 9.96 0.37 16.15
N MET A 745 9.98 1.63 15.70
CA MET A 745 10.64 2.69 16.48
C MET A 745 10.17 2.79 17.95
N PRO A 746 8.87 3.01 18.27
CA PRO A 746 8.50 3.06 19.70
C PRO A 746 8.63 1.72 20.39
N LEU A 747 8.39 0.62 19.68
CA LEU A 747 8.50 -0.71 20.26
C LEU A 747 9.92 -0.99 20.69
N LEU A 748 10.93 -0.52 19.93
CA LEU A 748 12.33 -0.72 20.26
C LEU A 748 12.74 0.12 21.47
N LEU A 749 12.19 1.34 21.59
CA LEU A 749 12.40 2.19 22.75
C LEU A 749 11.77 1.54 23.98
N GLU A 750 10.57 0.97 23.82
CA GLU A 750 9.87 0.23 24.85
C GLU A 750 10.70 -0.96 25.38
N CYS A 751 11.47 -1.64 24.50
CA CYS A 751 12.33 -2.78 24.86
C CYS A 751 13.52 -2.27 25.64
N ALA A 752 14.25 -1.31 25.05
CA ALA A 752 15.46 -0.67 25.58
C ALA A 752 15.28 0.00 26.93
N ARG A 753 14.02 0.32 27.30
CA ARG A 753 13.64 0.98 28.54
C ARG A 753 14.20 0.30 29.77
N VAL A 754 14.25 -1.03 29.77
CA VAL A 754 14.77 -1.80 30.89
C VAL A 754 16.26 -1.45 31.26
N ARG A 755 17.08 -0.96 30.29
CA ARG A 755 18.48 -0.57 30.51
C ARG A 755 18.67 0.88 31.07
N GLY A 756 17.56 1.59 31.29
CA GLY A 756 17.60 2.93 31.85
C GLY A 756 17.46 4.03 30.82
N PRO A 757 17.38 5.28 31.30
CA PRO A 757 17.23 6.41 30.39
C PRO A 757 18.48 6.82 29.63
N GLU A 758 19.66 6.42 30.11
CA GLU A 758 20.90 6.76 29.40
C GLU A 758 21.05 5.95 28.09
N TYR A 759 20.58 4.69 28.10
CA TYR A 759 20.57 3.82 26.93
C TYR A 759 19.40 4.21 26.02
N LEU A 760 18.26 4.59 26.62
CA LEU A 760 17.06 5.07 25.96
C LEU A 760 17.43 6.30 25.10
N THR A 761 18.23 7.25 25.64
CA THR A 761 18.64 8.43 24.88
C THR A 761 19.57 8.06 23.76
N GLN A 762 20.47 7.07 23.99
CA GLN A 762 21.37 6.55 22.98
C GLN A 762 20.58 5.96 21.79
N MET A 763 19.42 5.33 22.05
CA MET A 763 18.61 4.75 20.97
C MET A 763 17.82 5.83 20.29
N TRP A 764 17.15 6.68 21.08
CA TRP A 764 16.36 7.80 20.56
C TRP A 764 17.17 8.73 19.70
N HIS A 765 18.48 8.83 19.95
CA HIS A 765 19.38 9.64 19.14
C HIS A 765 19.46 9.14 17.68
N PHE A 766 19.55 7.81 17.47
CA PHE A 766 19.59 7.28 16.11
C PHE A 766 18.28 7.61 15.36
N MET A 767 17.14 7.45 16.04
CA MET A 767 15.81 7.63 15.48
C MET A 767 15.39 9.06 15.20
N CYS A 768 15.53 9.97 16.17
CA CYS A 768 14.93 11.29 16.12
C CYS A 768 15.04 12.03 14.81
N ASP A 769 16.25 12.35 14.33
CA ASP A 769 16.37 13.12 13.09
C ASP A 769 15.73 12.42 11.90
N ALA A 770 15.99 11.12 11.76
CA ALA A 770 15.45 10.34 10.67
C ALA A 770 13.93 10.26 10.65
N LEU A 771 13.30 10.13 11.84
CA LEU A 771 11.85 10.09 12.01
C LEU A 771 11.23 11.41 11.56
N ILE A 772 11.91 12.54 11.85
CA ILE A 772 11.44 13.86 11.49
C ILE A 772 11.60 14.10 10.01
N LYS A 773 12.71 13.64 9.40
CA LYS A 773 12.90 13.84 7.97
C LYS A 773 11.81 13.10 7.19
N ALA A 774 11.56 11.85 7.60
CA ALA A 774 10.53 10.99 7.04
C ALA A 774 9.17 11.65 7.03
N ILE A 775 8.78 12.35 8.11
CA ILE A 775 7.47 13.02 8.15
C ILE A 775 7.40 14.10 7.05
N GLY A 776 8.48 14.85 6.92
CA GLY A 776 8.57 15.92 5.92
C GLY A 776 8.71 15.50 4.47
N THR A 777 9.11 14.24 4.21
CA THR A 777 9.33 13.78 2.83
C THR A 777 8.49 12.60 2.38
N GLU A 778 7.89 11.85 3.30
CA GLU A 778 7.15 10.65 2.97
C GLU A 778 6.10 10.83 1.86
N PRO A 779 6.21 10.01 0.79
CA PRO A 779 5.25 10.12 -0.33
C PRO A 779 3.86 9.55 -0.03
N ASP A 780 3.76 8.27 0.38
CA ASP A 780 2.50 7.61 0.70
C ASP A 780 1.84 8.14 1.97
N SER A 781 0.53 8.33 1.94
CA SER A 781 -0.24 8.82 3.07
C SER A 781 -0.38 7.81 4.21
N ASP A 782 -0.65 6.53 3.91
CA ASP A 782 -0.80 5.54 4.98
C ASP A 782 0.53 5.22 5.65
N VAL A 783 1.63 5.22 4.88
CA VAL A 783 2.97 5.02 5.44
C VAL A 783 3.32 6.28 6.25
N LEU A 784 2.92 7.48 5.79
CA LEU A 784 3.20 8.72 6.54
C LEU A 784 2.52 8.68 7.91
N SER A 785 1.25 8.25 7.94
CA SER A 785 0.45 8.17 9.17
C SER A 785 1.03 7.20 10.21
N GLU A 786 1.78 6.21 9.78
CA GLU A 786 2.43 5.26 10.70
C GLU A 786 3.71 5.89 11.29
N ILE A 787 4.44 6.64 10.46
CA ILE A 787 5.63 7.37 10.82
C ILE A 787 5.23 8.47 11.77
N MET A 788 4.17 9.24 11.46
CA MET A 788 3.69 10.30 12.33
C MET A 788 3.16 9.75 13.66
N HIS A 789 2.42 8.63 13.64
CA HIS A 789 1.94 8.03 14.89
C HIS A 789 3.11 7.51 15.70
N SER A 790 4.07 6.88 15.02
CA SER A 790 5.27 6.31 15.61
C SER A 790 6.09 7.39 16.29
N PHE A 791 6.34 8.52 15.61
CA PHE A 791 7.10 9.64 16.13
C PHE A 791 6.45 10.17 17.42
N ALA A 792 5.12 10.31 17.39
CA ALA A 792 4.37 10.76 18.54
C ALA A 792 4.50 9.79 19.70
N LYS A 793 4.49 8.47 19.44
CA LYS A 793 4.62 7.47 20.49
C LYS A 793 6.01 7.42 21.11
N CYS A 794 7.05 7.74 20.30
CA CYS A 794 8.43 7.82 20.81
C CYS A 794 8.51 9.02 21.71
N ILE A 795 7.92 10.17 21.35
CA ILE A 795 7.94 11.35 22.22
C ILE A 795 7.34 11.04 23.59
N GLU A 796 6.30 10.22 23.62
CA GLU A 796 5.68 9.81 24.87
C GLU A 796 6.63 8.95 25.69
N VAL A 797 7.39 8.01 25.03
CA VAL A 797 8.35 7.10 25.64
C VAL A 797 9.30 7.83 26.58
N MET A 798 9.90 9.00 26.21
CA MET A 798 10.55 9.77 27.29
C MET A 798 10.59 11.29 27.05
N GLY A 799 9.40 11.88 27.08
CA GLY A 799 9.18 13.30 26.85
C GLY A 799 9.84 14.25 27.81
N ASP A 800 9.97 15.50 27.38
CA ASP A 800 10.62 16.61 28.08
C ASP A 800 12.09 16.38 28.04
N GLY A 801 12.75 17.23 27.27
CA GLY A 801 14.18 17.12 27.02
C GLY A 801 14.51 16.17 25.89
N CYS A 802 13.48 15.56 25.26
CA CYS A 802 13.65 14.61 24.16
C CYS A 802 13.71 15.26 22.79
N LEU A 803 13.90 16.59 22.70
CA LEU A 803 13.96 17.25 21.40
C LEU A 803 14.93 18.41 21.33
N ASN A 804 15.79 18.41 20.30
CA ASN A 804 16.72 19.50 20.01
C ASN A 804 15.93 20.75 19.64
N ASN A 805 16.59 21.91 19.69
CA ASN A 805 15.95 23.14 19.23
C ASN A 805 15.89 23.12 17.69
N GLU A 806 16.88 22.47 17.00
CA GLU A 806 16.87 22.29 15.55
C GLU A 806 15.67 21.41 15.20
N HIS A 807 15.43 20.33 15.96
CA HIS A 807 14.30 19.43 15.73
C HIS A 807 12.95 20.10 15.95
N PHE A 808 12.86 20.95 16.95
CA PHE A 808 11.64 21.70 17.24
C PHE A 808 11.33 22.69 16.10
N GLU A 809 12.39 23.33 15.58
CA GLU A 809 12.32 24.30 14.50
C GLU A 809 11.92 23.61 13.19
N GLU A 810 12.50 22.41 12.92
CA GLU A 810 12.21 21.59 11.73
C GLU A 810 10.77 21.10 11.76
N LEU A 811 10.37 20.47 12.90
CA LEU A 811 9.04 19.94 13.20
C LEU A 811 7.99 21.02 13.11
N GLY A 812 8.32 22.25 13.52
CA GLY A 812 7.42 23.37 13.42
C GLY A 812 7.05 23.64 11.96
N GLY A 813 8.07 23.69 11.12
CA GLY A 813 7.93 23.93 9.68
C GLY A 813 7.18 22.83 8.98
N ILE A 814 7.46 21.58 9.36
CA ILE A 814 6.81 20.40 8.80
C ILE A 814 5.33 20.37 9.16
N LEU A 815 4.96 20.57 10.43
CA LEU A 815 3.56 20.57 10.83
C LEU A 815 2.81 21.75 10.23
N LYS A 816 3.47 22.91 10.13
CA LYS A 816 2.86 24.09 9.52
C LYS A 816 2.61 23.81 8.03
N ALA A 817 3.56 23.14 7.35
CA ALA A 817 3.37 22.79 5.94
C ALA A 817 2.22 21.79 5.82
N LYS A 818 2.20 20.75 6.66
CA LYS A 818 1.13 19.76 6.62
C LYS A 818 -0.23 20.39 6.89
N LEU A 819 -0.28 21.46 7.68
CA LEU A 819 -1.55 22.13 7.93
C LEU A 819 -1.93 23.00 6.74
N GLU A 820 -0.96 23.69 6.14
CA GLU A 820 -1.15 24.51 4.95
C GLU A 820 -1.67 23.61 3.80
N GLU A 821 -1.12 22.41 3.67
CA GLU A 821 -1.53 21.48 2.63
C GLU A 821 -2.93 20.95 2.86
N HIS A 822 -3.37 20.80 4.11
CA HIS A 822 -4.69 20.29 4.43
C HIS A 822 -5.79 21.14 3.81
N PHE A 823 -5.68 22.47 3.92
CA PHE A 823 -6.63 23.47 3.41
C PHE A 823 -6.45 23.70 1.92
N LYS A 824 -5.20 23.61 1.42
CA LYS A 824 -4.88 23.79 0.00
C LYS A 824 -5.60 22.68 -0.74
N ASN A 825 -5.43 21.42 -0.29
CA ASN A 825 -6.10 20.26 -0.87
C ASN A 825 -7.61 20.33 -0.79
N GLN A 826 -8.16 21.12 0.13
CA GLN A 826 -9.60 21.28 0.22
C GLN A 826 -10.07 22.08 -1.00
N GLU A 827 -9.33 23.14 -1.38
CA GLU A 827 -9.63 23.98 -2.54
C GLU A 827 -9.39 23.20 -3.83
N LEU A 828 -8.29 22.43 -3.90
CA LEU A 828 -7.97 21.64 -5.09
C LEU A 828 -9.07 20.64 -5.41
N ARG A 829 -9.53 19.86 -4.42
CA ARG A 829 -10.63 18.92 -4.63
C ARG A 829 -11.90 19.63 -5.08
N GLN A 830 -12.12 20.88 -4.64
CA GLN A 830 -13.28 21.64 -5.09
C GLN A 830 -13.17 21.94 -6.57
N VAL A 831 -11.96 22.29 -7.04
CA VAL A 831 -11.64 22.58 -8.46
C VAL A 831 -11.68 21.27 -9.31
N LYS A 832 -11.47 20.08 -8.68
CA LYS A 832 -11.59 18.79 -9.39
C LYS A 832 -13.07 18.55 -9.69
N ARG A 833 -13.99 18.94 -8.76
CA ARG A 833 -15.44 19.02 -9.02
C ARG A 833 -15.51 20.28 -9.90
N GLN A 834 -16.54 20.48 -10.72
CA GLN A 834 -16.54 21.67 -11.58
C GLN A 834 -15.45 21.50 -12.66
N ASP A 835 -15.47 20.32 -13.30
CA ASP A 835 -14.64 19.87 -14.43
C ASP A 835 -15.60 19.05 -15.32
N GLU A 836 -15.48 19.20 -16.66
CA GLU A 836 -16.36 18.53 -17.65
C GLU A 836 -16.62 17.06 -17.36
N ASP A 837 -15.59 16.34 -16.90
CA ASP A 837 -15.71 14.92 -16.61
C ASP A 837 -15.87 14.62 -15.12
N TYR A 838 -16.80 15.30 -14.43
CA TYR A 838 -17.03 15.05 -13.02
C TYR A 838 -18.25 14.16 -12.88
N ASP A 839 -18.12 13.05 -12.15
CA ASP A 839 -19.21 12.10 -11.86
C ASP A 839 -19.16 11.57 -10.42
N GLU A 840 -20.15 10.77 -10.03
CA GLU A 840 -20.20 10.22 -8.69
C GLU A 840 -19.02 9.39 -8.33
N GLN A 841 -18.36 8.74 -9.32
CA GLN A 841 -17.20 7.89 -9.02
C GLN A 841 -15.95 8.73 -8.83
N VAL A 842 -15.85 9.92 -9.45
CA VAL A 842 -14.71 10.81 -9.16
C VAL A 842 -14.97 11.45 -7.78
N GLU A 843 -16.25 11.74 -7.41
CA GLU A 843 -16.55 12.23 -6.08
C GLU A 843 -16.17 11.20 -5.03
N GLU A 844 -16.40 9.90 -5.29
CA GLU A 844 -15.98 8.84 -4.36
C GLU A 844 -14.46 8.88 -4.11
N SER A 845 -13.67 9.13 -5.15
CA SER A 845 -12.22 9.25 -5.00
C SER A 845 -11.86 10.49 -4.20
N LEU A 846 -12.50 11.66 -4.47
CA LEU A 846 -12.26 12.89 -3.73
C LEU A 846 -12.61 12.72 -2.26
N GLN A 847 -13.64 11.93 -1.94
CA GLN A 847 -13.98 11.68 -0.57
C GLN A 847 -12.94 10.78 0.11
N ASP A 848 -12.35 9.83 -0.63
CA ASP A 848 -11.27 9.00 -0.12
C ASP A 848 -10.07 9.87 0.17
N GLU A 849 -9.73 10.79 -0.74
CA GLU A 849 -8.64 11.75 -0.57
C GLU A 849 -8.88 12.60 0.68
N ASP A 850 -10.13 13.02 0.91
CA ASP A 850 -10.46 13.83 2.07
C ASP A 850 -10.26 13.03 3.34
N ASP A 851 -10.71 11.77 3.35
CA ASP A 851 -10.59 10.87 4.47
C ASP A 851 -9.13 10.67 4.87
N ASN A 852 -8.23 10.66 3.89
CA ASN A 852 -6.82 10.49 4.15
C ASN A 852 -6.26 11.77 4.73
N ASP A 853 -6.63 12.92 4.17
CA ASP A 853 -6.20 14.22 4.67
C ASP A 853 -6.68 14.42 6.13
N VAL A 854 -7.87 13.90 6.48
CA VAL A 854 -8.37 14.02 7.85
C VAL A 854 -7.56 13.16 8.78
N TYR A 855 -7.25 11.93 8.37
CA TYR A 855 -6.42 11.00 9.15
C TYR A 855 -5.01 11.58 9.38
N ILE A 856 -4.49 12.40 8.46
CA ILE A 856 -3.22 13.08 8.66
C ILE A 856 -3.40 14.20 9.69
N LEU A 857 -4.54 14.89 9.68
CA LEU A 857 -4.83 15.90 10.71
C LEU A 857 -4.91 15.22 12.09
N THR A 858 -5.45 13.99 12.18
CA THR A 858 -5.50 13.30 13.47
C THR A 858 -4.11 12.98 13.96
N LYS A 859 -3.18 12.66 13.05
CA LYS A 859 -1.81 12.35 13.41
C LYS A 859 -1.03 13.65 13.69
N VAL A 860 -1.46 14.80 13.15
CA VAL A 860 -0.87 16.10 13.51
C VAL A 860 -1.28 16.37 14.96
N SER A 861 -2.58 16.18 15.28
CA SER A 861 -3.08 16.30 16.63
C SER A 861 -2.39 15.33 17.57
N ASP A 862 -1.99 14.14 17.08
CA ASP A 862 -1.29 13.11 17.85
C ASP A 862 0.13 13.58 18.19
N ILE A 863 0.93 14.01 17.19
CA ILE A 863 2.28 14.52 17.46
C ILE A 863 2.24 15.68 18.42
N LEU A 864 1.26 16.58 18.22
CA LEU A 864 1.00 17.72 19.11
C LEU A 864 0.65 17.28 20.54
N HIS A 865 -0.30 16.36 20.72
CA HIS A 865 -0.69 15.85 22.04
C HIS A 865 0.50 15.37 22.87
N SER A 866 1.40 14.60 22.29
CA SER A 866 2.54 14.07 23.04
C SER A 866 3.54 15.16 23.37
N ILE A 867 3.67 16.21 22.53
CA ILE A 867 4.60 17.30 22.82
C ILE A 867 4.03 18.07 23.99
N PHE A 868 2.72 18.41 23.95
CA PHE A 868 2.04 19.09 25.04
C PHE A 868 2.10 18.28 26.34
N SER A 869 1.73 17.01 26.31
CA SER A 869 1.73 16.16 27.50
C SER A 869 3.05 16.07 28.18
N SER A 870 4.13 16.18 27.41
CA SER A 870 5.46 16.01 27.95
C SER A 870 6.19 17.31 28.25
N TYR A 871 6.09 18.32 27.37
CA TYR A 871 6.76 19.60 27.58
C TYR A 871 5.96 20.58 28.40
N LYS A 872 4.63 20.49 28.32
CA LYS A 872 3.68 21.30 29.08
C LYS A 872 3.79 22.82 28.74
N GLU A 873 3.41 23.77 29.67
CA GLU A 873 3.40 25.22 29.45
C GLU A 873 4.59 25.72 28.63
N LYS A 874 5.79 25.18 28.89
CA LYS A 874 7.05 25.52 28.20
C LYS A 874 6.96 25.68 26.68
N VAL A 875 6.11 24.88 26.04
CA VAL A 875 6.07 24.79 24.59
C VAL A 875 5.05 25.70 23.90
N LEU A 876 4.26 26.47 24.67
CA LEU A 876 3.28 27.37 24.07
C LEU A 876 3.92 28.42 23.15
N PRO A 877 5.08 29.05 23.45
CA PRO A 877 5.69 29.95 22.46
C PRO A 877 5.97 29.24 21.10
N TRP A 878 6.51 28.00 21.14
CA TRP A 878 6.78 27.25 19.90
C TRP A 878 5.48 27.05 19.09
N PHE A 879 4.43 26.70 19.79
CA PHE A 879 3.13 26.44 19.21
C PHE A 879 2.52 27.69 18.53
N GLU A 880 2.92 28.90 18.92
CA GLU A 880 2.37 30.11 18.29
C GLU A 880 2.58 30.18 16.78
N GLN A 881 3.53 29.40 16.24
CA GLN A 881 3.74 29.38 14.79
C GLN A 881 2.61 28.63 14.08
N LEU A 882 2.07 27.58 14.73
CA LEU A 882 0.95 26.79 14.22
C LEU A 882 -0.41 27.42 14.59
N LEU A 883 -0.43 28.35 15.53
CA LEU A 883 -1.65 28.99 16.01
C LEU A 883 -2.61 29.53 14.93
N PRO A 884 -2.18 30.29 13.90
CA PRO A 884 -3.13 30.74 12.88
C PRO A 884 -3.77 29.59 12.09
N LEU A 885 -3.03 28.50 11.92
CA LEU A 885 -3.52 27.33 11.21
C LEU A 885 -4.46 26.51 12.06
N ILE A 886 -4.20 26.43 13.38
CA ILE A 886 -5.09 25.66 14.25
C ILE A 886 -6.40 26.42 14.37
N VAL A 887 -6.34 27.75 14.58
CA VAL A 887 -7.51 28.64 14.61
C VAL A 887 -8.31 28.49 13.30
N ASN A 888 -7.61 28.37 12.18
CA ASN A 888 -8.24 28.19 10.89
C ASN A 888 -9.13 26.93 10.78
N LEU A 889 -8.93 25.89 11.64
CA LEU A 889 -9.76 24.70 11.64
C LEU A 889 -11.04 24.96 12.44
N ILE A 890 -10.94 25.73 13.54
CA ILE A 890 -12.05 26.02 14.44
C ILE A 890 -12.98 27.17 13.89
N CYS A 891 -12.84 27.50 12.59
CA CYS A 891 -13.69 28.52 11.98
C CYS A 891 -15.10 27.98 11.71
N PRO A 892 -16.15 28.82 11.74
CA PRO A 892 -17.51 28.29 11.64
C PRO A 892 -17.88 27.60 10.35
N HIS A 893 -17.31 28.03 9.21
CA HIS A 893 -17.67 27.42 7.93
C HIS A 893 -16.79 26.23 7.52
N ARG A 894 -15.87 25.78 8.40
CA ARG A 894 -15.03 24.65 8.05
C ARG A 894 -15.81 23.35 8.20
N PRO A 895 -15.41 22.28 7.49
CA PRO A 895 -16.10 20.98 7.66
C PRO A 895 -15.98 20.46 9.09
N TRP A 896 -16.98 19.72 9.57
CA TRP A 896 -16.97 19.25 10.96
C TRP A 896 -15.71 18.52 11.39
N PRO A 897 -15.01 17.66 10.58
CA PRO A 897 -13.79 17.04 11.09
C PRO A 897 -12.69 18.05 11.37
N ASP A 898 -12.69 19.22 10.70
CA ASP A 898 -11.69 20.25 10.96
C ASP A 898 -11.98 20.83 12.34
N ARG A 899 -13.23 21.34 12.56
CA ARG A 899 -13.69 21.87 13.85
C ARG A 899 -13.54 20.84 15.00
N GLN A 900 -13.65 19.54 14.73
CA GLN A 900 -13.51 18.49 15.74
C GLN A 900 -12.06 18.37 16.14
N TRP A 901 -11.15 18.32 15.18
CA TRP A 901 -9.74 18.12 15.46
C TRP A 901 -9.03 19.37 15.93
N GLY A 902 -9.47 20.54 15.48
CA GLY A 902 -8.93 21.79 15.97
C GLY A 902 -9.30 21.97 17.44
N LEU A 903 -10.54 21.55 17.83
CA LEU A 903 -10.98 21.61 19.22
C LEU A 903 -10.15 20.63 19.99
N CYS A 904 -9.93 19.41 19.48
CA CYS A 904 -9.04 18.44 20.13
C CYS A 904 -7.65 18.97 20.42
N ILE A 905 -7.09 19.76 19.51
CA ILE A 905 -5.76 20.34 19.70
C ILE A 905 -5.77 21.36 20.81
N PHE A 906 -6.83 22.15 20.92
CA PHE A 906 -6.98 23.11 22.01
C PHE A 906 -7.28 22.43 23.34
N ASP A 907 -7.88 21.24 23.31
CA ASP A 907 -8.17 20.49 24.52
C ASP A 907 -6.88 20.01 25.16
N ASP A 908 -5.87 19.67 24.36
CA ASP A 908 -4.55 19.28 24.83
C ASP A 908 -3.80 20.48 25.36
N VAL A 909 -4.06 21.70 24.82
CA VAL A 909 -3.44 22.91 25.34
C VAL A 909 -4.04 23.18 26.73
N ILE A 910 -5.36 23.02 26.91
CA ILE A 910 -6.01 23.26 28.22
C ILE A 910 -5.59 22.22 29.24
N GLU A 911 -5.58 20.94 28.85
CA GLU A 911 -5.25 19.87 29.76
C GLU A 911 -3.79 19.84 30.16
N HIS A 912 -2.87 19.94 29.19
CA HIS A 912 -1.43 19.82 29.48
C HIS A 912 -0.65 21.13 29.60
N CYS A 913 -1.23 22.28 29.21
CA CYS A 913 -0.49 23.53 29.27
C CYS A 913 -1.20 24.62 30.05
N SER A 914 -2.00 24.24 31.05
CA SER A 914 -2.66 25.22 31.91
C SER A 914 -1.76 25.54 33.11
N PRO A 915 -1.89 26.71 33.76
CA PRO A 915 -2.84 27.79 33.49
C PRO A 915 -2.42 28.75 32.37
N ALA A 916 -1.15 28.65 31.88
CA ALA A 916 -0.67 29.50 30.77
C ALA A 916 -1.59 29.43 29.55
N SER A 917 -2.31 28.31 29.38
CA SER A 917 -3.31 28.06 28.34
C SER A 917 -4.24 29.25 28.16
N PHE A 918 -4.59 29.92 29.29
CA PHE A 918 -5.48 31.07 29.35
C PHE A 918 -4.98 32.29 28.57
N LYS A 919 -3.65 32.52 28.44
CA LYS A 919 -3.16 33.64 27.60
C LYS A 919 -3.72 33.55 26.16
N TYR A 920 -3.91 32.31 25.70
CA TYR A 920 -4.39 31.94 24.38
C TYR A 920 -5.90 31.71 24.33
N ALA A 921 -6.64 31.92 25.42
CA ALA A 921 -8.10 31.72 25.41
C ALA A 921 -8.80 32.58 24.35
N GLU A 922 -8.19 33.70 23.93
CA GLU A 922 -8.75 34.54 22.86
C GLU A 922 -8.75 33.82 21.50
N TYR A 923 -8.10 32.63 21.40
CA TYR A 923 -8.04 31.82 20.19
C TYR A 923 -8.99 30.65 20.28
N PHE A 924 -9.35 30.14 21.49
CA PHE A 924 -10.23 28.97 21.57
C PHE A 924 -11.45 29.05 22.44
N LEU A 925 -11.37 29.74 23.58
CA LEU A 925 -12.40 29.73 24.61
C LEU A 925 -13.83 30.04 24.15
N ARG A 926 -14.08 31.21 23.50
CA ARG A 926 -15.44 31.54 23.07
C ARG A 926 -15.98 30.57 21.99
N PRO A 927 -15.21 30.21 20.93
CA PRO A 927 -15.75 29.20 19.98
C PRO A 927 -15.99 27.87 20.68
N MET A 928 -15.11 27.45 21.61
CA MET A 928 -15.29 26.21 22.34
C MET A 928 -16.55 26.24 23.20
N LEU A 929 -16.87 27.39 23.80
CA LEU A 929 -18.10 27.53 24.58
C LEU A 929 -19.31 27.38 23.64
N GLN A 930 -19.28 28.09 22.51
CA GLN A 930 -20.35 28.06 21.52
C GLN A 930 -20.57 26.65 20.94
N TYR A 931 -19.47 25.92 20.61
CA TYR A 931 -19.47 24.57 20.00
C TYR A 931 -20.05 23.47 20.82
N VAL A 932 -20.27 23.66 22.11
CA VAL A 932 -20.90 22.63 22.96
C VAL A 932 -22.29 22.23 22.44
N CYS A 933 -22.94 23.15 21.66
CA CYS A 933 -24.26 23.04 21.08
C CYS A 933 -24.26 22.69 19.58
N ASP A 934 -23.08 22.38 18.99
CA ASP A 934 -22.92 22.08 17.57
C ASP A 934 -23.74 20.91 17.08
N ASN A 935 -24.17 20.94 15.82
CA ASN A 935 -24.96 19.88 15.19
C ASN A 935 -24.20 18.53 15.12
N SER A 936 -22.86 18.58 14.96
CA SER A 936 -22.01 17.38 14.92
C SER A 936 -21.72 16.84 16.30
N PRO A 937 -22.01 15.55 16.55
CA PRO A 937 -21.71 14.99 17.87
C PRO A 937 -20.21 14.88 18.12
N GLU A 938 -19.40 14.70 17.06
CA GLU A 938 -17.96 14.68 17.18
C GLU A 938 -17.48 16.08 17.63
N VAL A 939 -18.09 17.16 17.10
CA VAL A 939 -17.74 18.53 17.50
C VAL A 939 -18.19 18.79 18.94
N ARG A 940 -19.46 18.47 19.26
CA ARG A 940 -20.02 18.56 20.61
C ARG A 940 -19.11 17.86 21.66
N GLN A 941 -18.65 16.62 21.36
CA GLN A 941 -17.81 15.88 22.29
C GLN A 941 -16.47 16.56 22.56
N ALA A 942 -15.83 17.08 21.52
CA ALA A 942 -14.55 17.76 21.65
C ALA A 942 -14.71 19.03 22.47
N ALA A 943 -15.84 19.75 22.28
CA ALA A 943 -16.14 20.99 23.02
C ALA A 943 -16.43 20.68 24.48
N ALA A 944 -17.30 19.69 24.75
CA ALA A 944 -17.64 19.28 26.11
C ALA A 944 -16.39 18.85 26.85
N TYR A 945 -15.50 18.10 26.20
CA TYR A 945 -14.26 17.66 26.81
C TYR A 945 -13.40 18.85 27.27
N GLY A 946 -13.25 19.85 26.41
CA GLY A 946 -12.43 21.01 26.71
C GLY A 946 -12.91 21.77 27.93
N LEU A 947 -14.22 21.80 28.12
CA LEU A 947 -14.81 22.49 29.25
C LEU A 947 -14.63 21.70 30.55
N GLY A 948 -14.59 20.36 30.47
CA GLY A 948 -14.36 19.53 31.63
C GLY A 948 -12.93 19.68 32.07
N VAL A 949 -11.95 19.63 31.13
CA VAL A 949 -10.54 19.82 31.52
C VAL A 949 -10.21 21.26 31.92
N MET A 950 -11.09 22.21 31.55
CA MET A 950 -11.02 23.62 31.89
C MET A 950 -11.27 23.77 33.40
N ALA A 951 -12.23 23.00 33.95
CA ALA A 951 -12.53 23.04 35.36
C ALA A 951 -11.42 22.32 36.12
N GLN A 952 -11.00 21.14 35.66
CA GLN A 952 -10.02 20.33 36.36
C GLN A 952 -8.61 20.89 36.34
N TYR A 953 -8.08 21.26 35.18
CA TYR A 953 -6.68 21.70 35.08
C TYR A 953 -6.50 23.17 34.80
N GLY A 954 -7.51 23.80 34.20
CA GLY A 954 -7.48 25.19 33.77
C GLY A 954 -6.97 26.27 34.71
N GLY A 955 -7.39 26.25 35.97
CA GLY A 955 -6.99 27.28 36.92
C GLY A 955 -8.11 28.27 37.18
N ASP A 956 -7.83 29.26 38.03
CA ASP A 956 -8.85 30.22 38.42
C ASP A 956 -9.32 31.16 37.33
N ASN A 957 -8.51 31.36 36.28
CA ASN A 957 -8.88 32.28 35.20
C ASN A 957 -10.14 31.85 34.42
N TYR A 958 -10.45 30.56 34.40
CA TYR A 958 -11.62 30.07 33.70
C TYR A 958 -12.90 30.13 34.54
N ARG A 959 -12.79 30.43 35.87
CA ARG A 959 -13.91 30.41 36.84
C ARG A 959 -15.22 31.01 36.27
N PRO A 960 -15.26 32.28 35.77
CA PRO A 960 -16.53 32.81 35.22
C PRO A 960 -17.14 31.96 34.09
N PHE A 961 -16.30 31.40 33.24
CA PHE A 961 -16.73 30.59 32.11
C PHE A 961 -17.26 29.21 32.53
N CYS A 962 -16.90 28.74 33.73
CA CYS A 962 -17.43 27.47 34.26
C CYS A 962 -18.87 27.70 34.74
N THR A 963 -19.16 28.90 35.30
CA THR A 963 -20.50 29.28 35.71
C THR A 963 -21.41 29.41 34.47
N GLU A 964 -20.86 29.96 33.37
CA GLU A 964 -21.57 30.17 32.11
C GLU A 964 -21.84 28.87 31.34
N ALA A 965 -20.84 27.97 31.24
CA ALA A 965 -20.90 26.71 30.47
C ALA A 965 -22.00 25.75 30.91
N LEU A 966 -22.21 25.65 32.23
CA LEU A 966 -23.13 24.70 32.84
C LEU A 966 -24.50 24.53 32.11
N PRO A 967 -25.38 25.53 31.96
CA PRO A 967 -26.66 25.28 31.26
C PRO A 967 -26.55 24.90 29.78
N LEU A 968 -25.37 25.11 29.17
CA LEU A 968 -25.17 24.72 27.78
C LEU A 968 -25.03 23.21 27.77
N LEU A 969 -24.16 22.68 28.66
CA LEU A 969 -23.96 21.26 28.83
C LEU A 969 -25.27 20.58 29.25
N VAL A 970 -25.99 21.14 30.26
CA VAL A 970 -27.23 20.51 30.72
C VAL A 970 -28.31 20.51 29.63
N ARG A 971 -28.27 21.46 28.68
CA ARG A 971 -29.23 21.49 27.58
C ARG A 971 -28.99 20.32 26.61
N VAL A 972 -27.72 19.93 26.41
CA VAL A 972 -27.41 18.81 25.54
C VAL A 972 -27.78 17.52 26.24
N ILE A 973 -27.38 17.38 27.51
CA ILE A 973 -27.63 16.19 28.30
C ILE A 973 -29.12 15.93 28.43
N GLN A 974 -29.88 17.02 28.69
CA GLN A 974 -31.30 16.91 28.94
C GLN A 974 -32.15 16.79 27.71
N SER A 975 -31.63 17.13 26.52
CA SER A 975 -32.46 17.01 25.32
C SER A 975 -32.77 15.55 24.99
N ALA A 976 -33.87 15.31 24.28
CA ALA A 976 -34.26 13.96 23.88
C ALA A 976 -33.22 13.42 22.90
N ASP A 977 -33.14 12.10 22.77
CA ASP A 977 -32.17 11.47 21.87
C ASP A 977 -30.72 11.72 22.25
N SER A 978 -30.45 12.31 23.44
CA SER A 978 -29.07 12.54 23.88
C SER A 978 -28.32 11.21 24.02
N LYS A 979 -29.03 10.08 24.22
CA LYS A 979 -28.35 8.80 24.37
C LYS A 979 -28.51 7.86 23.17
N THR A 980 -28.64 8.43 21.95
CA THR A 980 -28.71 7.66 20.69
C THR A 980 -27.33 7.10 20.41
N LYS A 981 -27.18 5.98 19.66
CA LYS A 981 -25.84 5.47 19.28
C LYS A 981 -24.96 6.57 18.66
N GLU A 982 -25.61 7.57 18.02
CA GLU A 982 -24.98 8.71 17.38
C GLU A 982 -24.44 9.75 18.34
N ASN A 983 -25.18 10.04 19.43
CA ASN A 983 -24.76 11.09 20.36
C ASN A 983 -24.43 10.63 21.79
N VAL A 984 -24.19 9.32 22.07
CA VAL A 984 -23.91 8.89 23.45
C VAL A 984 -22.62 9.44 23.98
N ASN A 985 -21.52 9.27 23.23
CA ASN A 985 -20.20 9.73 23.66
C ASN A 985 -20.13 11.23 23.90
N ALA A 986 -20.91 12.01 23.15
CA ALA A 986 -20.93 13.46 23.33
C ALA A 986 -21.69 13.78 24.61
N THR A 987 -22.84 13.14 24.84
CA THR A 987 -23.66 13.33 26.03
C THR A 987 -22.89 12.87 27.28
N GLU A 988 -22.22 11.70 27.24
CA GLU A 988 -21.41 11.20 28.35
C GLU A 988 -20.32 12.17 28.68
N ASN A 989 -19.66 12.71 27.68
CA ASN A 989 -18.61 13.69 27.89
C ASN A 989 -19.12 14.96 28.53
N CYS A 990 -20.37 15.34 28.24
CA CYS A 990 -21.07 16.50 28.80
C CYS A 990 -21.38 16.22 30.26
N ILE A 991 -21.84 14.99 30.59
CA ILE A 991 -22.15 14.52 31.94
C ILE A 991 -20.89 14.58 32.80
N SER A 992 -19.79 14.08 32.26
CA SER A 992 -18.49 14.11 32.93
C SER A 992 -17.95 15.56 33.03
N ALA A 993 -18.29 16.45 32.08
CA ALA A 993 -17.82 17.82 32.12
C ALA A 993 -18.55 18.56 33.22
N VAL A 994 -19.87 18.31 33.39
CA VAL A 994 -20.71 18.85 34.46
C VAL A 994 -20.12 18.39 35.80
N GLY A 995 -19.73 17.09 35.85
CA GLY A 995 -19.11 16.47 37.02
C GLY A 995 -17.83 17.16 37.42
N LYS A 996 -16.95 17.43 36.44
CA LYS A 996 -15.66 18.07 36.70
C LYS A 996 -15.87 19.52 37.18
N ILE A 997 -16.93 20.20 36.68
CA ILE A 997 -17.28 21.56 37.10
C ILE A 997 -17.62 21.51 38.58
N MET A 998 -18.42 20.51 39.01
CA MET A 998 -18.83 20.29 40.39
C MET A 998 -17.65 20.00 41.33
N LYS A 999 -16.81 19.06 40.95
CA LYS A 999 -15.69 18.64 41.78
C LYS A 999 -14.53 19.63 41.88
N PHE A 1000 -14.20 20.29 40.75
CA PHE A 1000 -13.00 21.13 40.72
C PHE A 1000 -13.22 22.61 40.86
N LYS A 1001 -14.45 23.07 40.64
CA LYS A 1001 -14.80 24.47 40.76
C LYS A 1001 -16.21 24.55 41.35
N PRO A 1002 -16.38 24.27 42.67
CA PRO A 1002 -17.74 24.24 43.22
C PRO A 1002 -18.27 25.62 43.66
N ASP A 1003 -17.46 26.67 43.49
CA ASP A 1003 -17.89 28.05 43.78
C ASP A 1003 -18.57 28.67 42.52
N CYS A 1004 -18.39 28.06 41.36
CA CYS A 1004 -18.97 28.45 40.09
C CYS A 1004 -20.32 27.77 39.79
N VAL A 1005 -20.83 26.98 40.73
CA VAL A 1005 -22.08 26.22 40.56
C VAL A 1005 -22.69 25.94 41.96
N ASN A 1006 -24.04 25.80 42.07
CA ASN A 1006 -24.61 25.38 43.35
C ASN A 1006 -24.77 23.88 43.24
N VAL A 1007 -23.63 23.20 43.47
CA VAL A 1007 -23.40 21.77 43.42
C VAL A 1007 -24.48 20.99 44.15
N GLU A 1008 -24.94 21.52 45.30
CA GLU A 1008 -26.00 20.88 46.09
C GLU A 1008 -27.33 20.70 45.34
N GLU A 1009 -27.55 21.46 44.25
CA GLU A 1009 -28.79 21.44 43.47
C GLU A 1009 -28.69 20.71 42.15
N VAL A 1010 -27.50 20.71 41.54
CA VAL A 1010 -27.29 20.03 40.27
C VAL A 1010 -27.00 18.54 40.47
N LEU A 1011 -26.47 18.14 41.66
CA LEU A 1011 -26.13 16.77 42.02
C LEU A 1011 -27.29 15.78 41.83
N PRO A 1012 -28.55 16.05 42.25
CA PRO A 1012 -29.64 15.09 41.95
C PRO A 1012 -29.81 14.82 40.45
N HIS A 1013 -29.74 15.89 39.61
CA HIS A 1013 -29.87 15.74 38.16
C HIS A 1013 -28.68 14.99 37.64
N TRP A 1014 -27.46 15.34 38.11
CA TRP A 1014 -26.22 14.70 37.70
C TRP A 1014 -26.24 13.21 37.93
N LEU A 1015 -26.74 12.81 39.09
CA LEU A 1015 -26.86 11.43 39.50
C LEU A 1015 -27.77 10.65 38.55
N SER A 1016 -28.84 11.29 38.06
CA SER A 1016 -29.75 10.64 37.14
C SER A 1016 -29.15 10.40 35.75
N TRP A 1017 -28.12 11.17 35.37
CA TRP A 1017 -27.46 10.97 34.07
C TRP A 1017 -26.50 9.73 34.10
N LEU A 1018 -26.08 9.31 35.33
CA LEU A 1018 -25.20 8.16 35.55
C LEU A 1018 -25.91 6.84 35.33
N PRO A 1019 -25.20 5.77 34.90
CA PRO A 1019 -23.74 5.66 34.70
C PRO A 1019 -23.25 5.90 33.29
N LEU A 1020 -21.96 6.15 33.18
CA LEU A 1020 -21.31 6.27 31.89
C LEU A 1020 -20.76 4.89 31.57
N HIS A 1021 -20.69 4.52 30.29
CA HIS A 1021 -20.18 3.20 29.91
C HIS A 1021 -19.72 3.08 28.46
N GLU A 1022 -19.77 4.16 27.69
CA GLU A 1022 -19.29 4.15 26.32
C GLU A 1022 -17.90 4.78 26.32
N ASP A 1023 -17.79 5.98 26.91
CA ASP A 1023 -16.49 6.61 27.06
C ASP A 1023 -15.93 5.99 28.31
N LYS A 1024 -14.99 5.05 28.17
CA LYS A 1024 -14.47 4.38 29.37
C LYS A 1024 -13.71 5.33 30.26
N GLU A 1025 -12.90 6.26 29.71
CA GLU A 1025 -12.15 7.23 30.54
C GLU A 1025 -13.09 8.06 31.40
N GLU A 1026 -14.15 8.56 30.80
CA GLU A 1026 -15.12 9.35 31.52
C GLU A 1026 -15.95 8.53 32.47
N ALA A 1027 -16.12 7.22 32.22
CA ALA A 1027 -16.81 6.35 33.16
C ALA A 1027 -15.96 6.26 34.45
N VAL A 1028 -14.62 6.17 34.32
CA VAL A 1028 -13.71 6.13 35.46
C VAL A 1028 -13.83 7.43 36.22
N GLN A 1029 -13.73 8.56 35.54
CA GLN A 1029 -13.80 9.87 36.18
C GLN A 1029 -15.11 10.08 36.93
N THR A 1030 -16.27 9.80 36.29
CA THR A 1030 -17.56 9.99 36.93
C THR A 1030 -17.75 9.12 38.15
N PHE A 1031 -17.28 7.86 38.07
CA PHE A 1031 -17.41 6.91 39.16
C PHE A 1031 -16.50 7.27 40.31
N ASN A 1032 -15.28 7.74 40.02
CA ASN A 1032 -14.35 8.22 41.05
C ASN A 1032 -14.97 9.40 41.80
N TYR A 1033 -15.74 10.27 41.12
CA TYR A 1033 -16.39 11.40 41.79
C TYR A 1033 -17.53 10.88 42.61
N LEU A 1034 -18.36 9.96 42.07
CA LEU A 1034 -19.47 9.35 42.80
C LEU A 1034 -18.99 8.71 44.10
N CYS A 1035 -17.81 8.10 44.07
CA CYS A 1035 -17.24 7.50 45.27
C CYS A 1035 -16.86 8.56 46.26
N ASP A 1036 -16.23 9.68 45.83
CA ASP A 1036 -15.93 10.79 46.74
C ASP A 1036 -17.19 11.29 47.44
N LEU A 1037 -18.31 11.36 46.69
CA LEU A 1037 -19.59 11.83 47.16
C LEU A 1037 -20.19 10.89 48.18
N ILE A 1038 -20.09 9.58 47.95
CA ILE A 1038 -20.64 8.60 48.88
C ILE A 1038 -19.76 8.45 50.13
N GLU A 1039 -18.45 8.54 49.96
CA GLU A 1039 -17.47 8.47 51.04
C GLU A 1039 -17.39 9.76 51.89
N SER A 1040 -17.88 10.89 51.37
CA SER A 1040 -17.81 12.20 52.02
C SER A 1040 -18.42 12.32 53.42
N ASN A 1041 -17.84 13.23 54.23
CA ASN A 1041 -18.34 13.62 55.56
C ASN A 1041 -19.52 14.51 55.22
N HIS A 1042 -20.74 13.94 55.26
CA HIS A 1042 -22.03 14.55 54.88
C HIS A 1042 -22.23 14.33 53.36
N PRO A 1043 -22.57 13.07 52.96
CA PRO A 1043 -22.69 12.74 51.54
C PRO A 1043 -23.59 13.60 50.65
N ILE A 1044 -24.87 13.90 51.08
CA ILE A 1044 -25.89 14.66 50.32
C ILE A 1044 -26.45 13.75 49.22
N VAL A 1045 -25.54 13.11 48.48
CA VAL A 1045 -25.77 12.20 47.37
C VAL A 1045 -26.57 10.94 47.76
N LEU A 1046 -26.67 10.61 49.06
CA LEU A 1046 -27.40 9.41 49.48
C LEU A 1046 -28.89 9.60 49.67
N GLY A 1047 -29.31 10.85 49.88
CA GLY A 1047 -30.71 11.19 50.12
C GLY A 1047 -31.03 11.02 51.58
N PRO A 1048 -31.91 11.87 52.15
CA PRO A 1048 -32.22 11.73 53.59
C PRO A 1048 -32.87 10.38 53.88
N ASN A 1049 -32.33 9.62 54.86
CA ASN A 1049 -32.83 8.30 55.21
C ASN A 1049 -32.54 7.26 54.12
N ASN A 1050 -31.41 7.43 53.40
CA ASN A 1050 -30.90 6.57 52.31
C ASN A 1050 -31.96 6.20 51.26
N THR A 1051 -32.80 7.18 50.88
CA THR A 1051 -33.88 6.93 49.93
C THR A 1051 -33.38 6.64 48.53
N ASN A 1052 -32.33 7.34 48.06
CA ASN A 1052 -31.85 7.04 46.71
C ASN A 1052 -30.58 6.16 46.71
N LEU A 1053 -30.25 5.52 47.86
CA LEU A 1053 -29.18 4.54 47.90
C LEU A 1053 -29.52 3.34 46.98
N PRO A 1054 -30.78 2.77 46.98
CA PRO A 1054 -31.09 1.69 46.04
C PRO A 1054 -30.93 2.05 44.57
N LYS A 1055 -31.01 3.35 44.23
CA LYS A 1055 -30.81 3.83 42.87
C LYS A 1055 -29.31 3.77 42.54
N ILE A 1056 -28.43 4.09 43.51
CA ILE A 1056 -26.97 3.98 43.37
C ILE A 1056 -26.56 2.50 43.13
N PHE A 1057 -27.35 1.53 43.64
CA PHE A 1057 -27.16 0.10 43.38
C PHE A 1057 -27.40 -0.22 41.89
N SER A 1058 -28.37 0.48 41.25
CA SER A 1058 -28.68 0.31 39.83
C SER A 1058 -27.62 0.96 38.96
N ILE A 1059 -27.06 2.10 39.39
CA ILE A 1059 -25.99 2.77 38.67
C ILE A 1059 -24.74 1.88 38.72
N ILE A 1060 -24.38 1.40 39.93
CA ILE A 1060 -23.23 0.54 40.13
C ILE A 1060 -23.41 -0.82 39.44
N ALA A 1061 -24.67 -1.26 39.19
CA ALA A 1061 -24.91 -2.52 38.48
C ALA A 1061 -24.41 -2.48 37.02
N GLU A 1062 -23.84 -1.34 36.52
CA GLU A 1062 -23.26 -1.30 35.16
C GLU A 1062 -21.78 -0.88 35.09
N GLY A 1063 -20.83 -1.78 35.39
CA GLY A 1063 -21.06 -3.16 35.81
C GLY A 1063 -21.30 -4.08 34.63
N GLU A 1064 -22.58 -4.22 34.26
CA GLU A 1064 -23.02 -4.99 33.11
C GLU A 1064 -22.36 -4.49 31.82
N MET A 1065 -22.09 -3.17 31.74
CA MET A 1065 -21.53 -2.58 30.54
C MET A 1065 -20.02 -2.36 30.62
N HIS A 1066 -19.32 -3.14 31.44
CA HIS A 1066 -17.86 -3.10 31.62
C HIS A 1066 -17.28 -1.68 31.84
N GLU A 1067 -18.05 -0.77 32.45
CA GLU A 1067 -17.64 0.62 32.70
C GLU A 1067 -16.48 0.77 33.67
N ALA A 1068 -16.63 0.19 34.87
CA ALA A 1068 -15.65 0.15 35.94
C ALA A 1068 -14.87 -1.17 35.71
N ILE A 1069 -13.59 -1.05 35.44
CA ILE A 1069 -12.74 -2.17 35.13
C ILE A 1069 -12.45 -2.92 36.45
N LYS A 1070 -13.10 -4.13 36.59
CA LYS A 1070 -13.19 -5.09 37.74
C LYS A 1070 -11.99 -5.09 38.67
N HIS A 1071 -10.79 -5.18 38.09
CA HIS A 1071 -9.60 -5.21 38.92
C HIS A 1071 -8.80 -3.94 38.73
N GLU A 1072 -8.41 -3.66 37.48
CA GLU A 1072 -7.56 -2.54 37.11
C GLU A 1072 -7.76 -1.24 37.94
N ASP A 1073 -8.96 -0.65 37.92
CA ASP A 1073 -9.15 0.65 38.53
C ASP A 1073 -9.32 0.65 40.07
N PRO A 1074 -8.88 1.77 40.70
CA PRO A 1074 -9.07 1.93 42.16
C PRO A 1074 -10.55 2.12 42.53
N CYS A 1075 -11.35 2.76 41.65
CA CYS A 1075 -12.78 2.95 41.89
C CYS A 1075 -13.53 1.64 41.93
N ALA A 1076 -13.01 0.56 41.32
CA ALA A 1076 -13.68 -0.73 41.34
C ALA A 1076 -13.70 -1.25 42.77
N LYS A 1077 -12.57 -1.15 43.49
CA LYS A 1077 -12.47 -1.54 44.89
C LYS A 1077 -13.37 -0.63 45.70
N ARG A 1078 -13.28 0.69 45.47
CA ARG A 1078 -14.07 1.72 46.14
C ARG A 1078 -15.57 1.50 46.05
N LEU A 1079 -16.06 1.14 44.86
CA LEU A 1079 -17.47 0.92 44.63
C LEU A 1079 -17.94 -0.35 45.33
N ALA A 1080 -17.10 -1.39 45.36
CA ALA A 1080 -17.47 -2.64 46.03
C ALA A 1080 -17.36 -2.51 47.57
N ASN A 1081 -16.53 -1.59 48.09
CA ASN A 1081 -16.47 -1.35 49.54
C ASN A 1081 -17.70 -0.55 49.98
N VAL A 1082 -18.18 0.37 49.14
CA VAL A 1082 -19.38 1.15 49.38
C VAL A 1082 -20.62 0.20 49.35
N VAL A 1083 -20.61 -0.80 48.46
CA VAL A 1083 -21.73 -1.74 48.36
C VAL A 1083 -21.70 -2.80 49.43
N ARG A 1084 -20.53 -3.39 49.71
CA ARG A 1084 -20.47 -4.46 50.71
C ARG A 1084 -20.67 -3.95 52.13
N GLN A 1085 -20.42 -2.67 52.42
CA GLN A 1085 -20.68 -2.13 53.76
C GLN A 1085 -22.18 -2.17 54.13
N VAL A 1086 -23.06 -2.21 53.11
CA VAL A 1086 -24.51 -2.25 53.26
C VAL A 1086 -25.01 -3.59 53.79
N GLN A 1087 -24.31 -4.69 53.45
CA GLN A 1087 -24.63 -6.07 53.84
C GLN A 1087 -24.96 -6.22 55.29
N THR A 1088 -24.37 -5.36 56.15
CA THR A 1088 -24.54 -5.37 57.62
C THR A 1088 -25.88 -4.77 58.10
N SER A 1089 -26.64 -4.14 57.18
CA SER A 1089 -27.95 -3.53 57.42
C SER A 1089 -28.93 -4.39 56.62
N GLY A 1090 -29.49 -5.38 57.30
CA GLY A 1090 -30.40 -6.38 56.74
C GLY A 1090 -31.46 -5.86 55.80
N GLY A 1091 -32.35 -5.03 56.32
CA GLY A 1091 -33.46 -4.45 55.58
C GLY A 1091 -33.02 -3.56 54.44
N LEU A 1092 -32.01 -2.72 54.69
CA LEU A 1092 -31.50 -1.83 53.66
C LEU A 1092 -30.88 -2.62 52.51
N TRP A 1093 -30.11 -3.67 52.82
CA TRP A 1093 -29.49 -4.50 51.79
C TRP A 1093 -30.56 -5.16 50.90
N THR A 1094 -31.53 -5.84 51.53
CA THR A 1094 -32.58 -6.53 50.82
C THR A 1094 -33.45 -5.58 50.05
N GLU A 1095 -33.68 -4.33 50.54
CA GLU A 1095 -34.50 -3.36 49.80
C GLU A 1095 -33.79 -3.01 48.50
N CYS A 1096 -32.50 -2.66 48.60
CA CYS A 1096 -31.67 -2.27 47.48
C CYS A 1096 -31.50 -3.38 46.47
N ILE A 1097 -31.43 -4.63 46.93
CA ILE A 1097 -31.28 -5.76 46.03
C ILE A 1097 -32.66 -6.18 45.43
N ALA A 1098 -33.74 -6.22 46.24
CA ALA A 1098 -35.07 -6.64 45.77
C ALA A 1098 -35.61 -5.85 44.60
N GLN A 1099 -35.05 -4.67 44.34
CA GLN A 1099 -35.46 -3.81 43.24
C GLN A 1099 -34.36 -3.69 42.16
N LEU A 1100 -33.68 -4.80 41.90
CA LEU A 1100 -32.69 -4.92 40.86
C LEU A 1100 -33.10 -6.12 40.01
N SER A 1101 -32.98 -6.00 38.69
CA SER A 1101 -33.31 -7.12 37.80
C SER A 1101 -32.28 -8.24 38.01
N PRO A 1102 -32.66 -9.52 37.82
CA PRO A 1102 -31.68 -10.61 38.03
C PRO A 1102 -30.38 -10.48 37.23
N GLU A 1103 -30.38 -9.72 36.13
CA GLU A 1103 -29.14 -9.50 35.37
C GLU A 1103 -28.23 -8.51 36.14
N GLN A 1104 -28.85 -7.46 36.71
CA GLN A 1104 -28.23 -6.42 37.52
C GLN A 1104 -27.76 -6.99 38.86
N GLN A 1105 -28.54 -7.90 39.47
CA GLN A 1105 -28.19 -8.55 40.72
C GLN A 1105 -26.88 -9.34 40.57
N ALA A 1106 -26.70 -10.03 39.43
CA ALA A 1106 -25.47 -10.79 39.16
C ALA A 1106 -24.27 -9.88 38.94
N ALA A 1107 -24.51 -8.68 38.41
CA ALA A 1107 -23.45 -7.72 38.17
C ALA A 1107 -22.88 -7.19 39.48
N ILE A 1108 -23.71 -7.07 40.54
CA ILE A 1108 -23.26 -6.64 41.85
C ILE A 1108 -22.42 -7.77 42.49
N GLN A 1109 -22.86 -9.04 42.33
CA GLN A 1109 -22.12 -10.21 42.81
C GLN A 1109 -20.77 -10.27 42.11
N GLU A 1110 -20.75 -10.14 40.76
CA GLU A 1110 -19.55 -10.18 39.92
C GLU A 1110 -18.49 -9.18 40.39
N LEU A 1111 -18.92 -7.94 40.75
CA LEU A 1111 -18.05 -6.87 41.23
C LEU A 1111 -17.53 -7.18 42.60
N LEU A 1112 -18.44 -7.63 43.50
CA LEU A 1112 -18.11 -7.94 44.88
C LEU A 1112 -17.11 -9.08 44.99
N ASN A 1113 -17.13 -10.04 44.05
CA ASN A 1113 -16.18 -11.16 44.08
C ASN A 1113 -14.78 -10.78 43.61
N SER A 1114 -14.66 -9.71 42.81
CA SER A 1114 -13.38 -9.31 42.23
C SER A 1114 -12.77 -8.00 42.73
N ALA A 1115 -13.47 -7.25 43.61
CA ALA A 1115 -12.94 -5.99 44.11
C ALA A 1115 -13.00 -5.77 45.64
CD1 FC0 B 1 -5.84 5.67 17.28
CE1 FC0 B 1 -4.67 5.66 16.53
CZ FC0 B 1 -4.68 5.24 15.22
CE2 FC0 B 1 -5.86 4.81 14.65
CD2 FC0 B 1 -7.02 4.81 15.39
CG FC0 B 1 -7.03 5.22 16.72
CB FC0 B 1 -8.29 5.13 17.57
CA FC0 B 1 -9.57 4.70 16.82
C FC0 B 1 -10.13 3.43 17.46
O FC0 B 1 -10.56 2.55 16.58
N FC0 B 1 -10.52 5.81 16.75
C1 FC0 B 1 -11.86 5.69 16.59
O1 FC0 B 1 -12.39 4.96 15.79
N ARG B 2 -12.41 6.64 17.53
CA ARG B 2 -12.80 6.58 18.95
C ARG B 2 -12.96 7.99 19.59
N VAL B 3 -11.82 8.74 19.68
CA VAL B 3 -11.56 10.07 20.25
C VAL B 3 -12.82 10.81 20.71
N RGL B 4 -12.77 12.10 21.16
CA RGL B 4 -12.88 13.54 21.41
C RGL B 4 -13.30 14.36 20.18
O RGL B 4 -14.44 13.83 19.52
CB RGL B 4 -11.57 14.04 22.00
CG RGL B 4 -11.65 14.47 23.45
CD RGL B 4 -12.54 13.54 24.28
NE RGL B 4 -11.84 12.34 24.70
CZ RGL B 4 -12.39 11.47 25.68
NH1 RGL B 4 -13.47 11.98 26.44
NH2 RGL B 4 -11.88 10.28 25.82
NI NI C . 19.18 14.03 20.14
#